data_3M10
#
_entry.id   3M10
#
_cell.length_a   60.218
_cell.length_b   90.428
_cell.length_c   70.554
_cell.angle_alpha   90.00
_cell.angle_beta   111.02
_cell.angle_gamma   90.00
#
_symmetry.space_group_name_H-M   'P 1 21 1'
#
loop_
_entity.id
_entity.type
_entity.pdbx_description
1 polymer 'Arginine kinase'
2 non-polymer 'SULFATE ION'
3 water water
#
_entity_poly.entity_id   1
_entity_poly.type   'polypeptide(L)'
_entity_poly.pdbx_seq_one_letter_code
;MVDQATLDKLEAGFKKLQEASDCKSLLKKHLTKDVFDSIKNKKTGMGATLLDVIQSGVENLDSGVGIYAPDAESYRTFGP
LFDPIIDDYHGGFKLTDKHPPKQWGDINTLVGLDPAGQFIISTRVRCGRSLQGYPFNPCLTAEQYKEMEEKVSSTLSSME
DELKGTYYPLTGMSKATQQQLIDDHFLFKEGDRFLQTANACRYWPTGRGIFHNDAKTFLVWVNEEDHLRIISMQKGGDLK
TVYKRLVTAVDNIESKLPFSHDDRFGFLTFCPTNLGTTMRASVHIQLPKLAKDRKVLEDIASKFNLQVRGTRGEHTESEG
GVYDISNKRRLGLTEYQAVREMQDGILEMIKMEKAAA
;
_entity_poly.pdbx_strand_id   A,B
#
loop_
_chem_comp.id
_chem_comp.type
_chem_comp.name
_chem_comp.formula
SO4 non-polymer 'SULFATE ION' 'O4 S -2'
#
# COMPACT_ATOMS: atom_id res chain seq x y z
N VAL A 2 -2.13 37.07 4.26
CA VAL A 2 -2.33 35.91 5.11
C VAL A 2 -1.71 36.14 6.48
N ASP A 3 -2.15 35.34 7.45
CA ASP A 3 -1.69 35.49 8.84
C ASP A 3 -0.21 35.24 8.99
N GLN A 4 0.40 35.91 9.97
CA GLN A 4 1.82 35.74 10.25
C GLN A 4 2.14 34.29 10.61
N ALA A 5 1.29 33.66 11.40
CA ALA A 5 1.47 32.25 11.74
C ALA A 5 1.56 31.38 10.49
N THR A 6 0.77 31.70 9.47
CA THR A 6 0.82 30.97 8.20
C THR A 6 2.12 31.24 7.46
N LEU A 7 2.46 32.52 7.31
CA LEU A 7 3.72 32.92 6.71
C LEU A 7 4.90 32.22 7.38
N ASP A 8 4.86 32.15 8.72
CA ASP A 8 5.94 31.51 9.45
C ASP A 8 6.16 30.08 8.99
N LYS A 9 5.08 29.30 8.92
CA LYS A 9 5.16 27.90 8.48
C LYS A 9 5.49 27.79 7.00
N LEU A 10 4.94 28.68 6.17
CA LEU A 10 5.28 28.69 4.75
C LEU A 10 6.79 28.89 4.54
N GLU A 11 7.38 29.87 5.23
CA GLU A 11 8.80 30.14 5.05
C GLU A 11 9.62 28.94 5.53
N ALA A 12 9.23 28.38 6.67
CA ALA A 12 9.90 27.20 7.20
C ALA A 12 9.76 26.03 6.23
N GLY A 13 8.57 25.88 5.66
CA GLY A 13 8.30 24.81 4.72
C GLY A 13 9.13 24.90 3.45
N PHE A 14 9.22 26.10 2.90
CA PHE A 14 10.00 26.31 1.68
C PHE A 14 11.46 25.98 1.95
N LYS A 15 11.96 26.40 3.11
CA LYS A 15 13.34 26.12 3.48
C LYS A 15 13.57 24.62 3.65
N LYS A 16 12.61 23.92 4.22
CA LYS A 16 12.72 22.48 4.41
C LYS A 16 12.80 21.80 3.04
N LEU A 17 11.89 22.17 2.16
CA LEU A 17 11.92 21.64 0.79
C LEU A 17 13.26 21.90 0.11
N GLN A 18 13.77 23.12 0.22
CA GLN A 18 15.05 23.47 -0.40
C GLN A 18 16.19 22.65 0.16
N GLU A 19 16.09 22.29 1.44
CA GLU A 19 17.18 21.63 2.13
C GLU A 19 17.11 20.11 2.04
N ALA A 20 15.97 19.59 1.59
CA ALA A 20 15.79 18.16 1.40
C ALA A 20 16.47 17.70 0.11
N SER A 21 17.76 17.41 0.19
CA SER A 21 18.55 17.05 -0.99
C SER A 21 17.95 15.91 -1.81
N ASP A 22 17.40 14.91 -1.14
CA ASP A 22 16.90 13.70 -1.83
C ASP A 22 15.42 13.77 -2.20
N CYS A 23 14.75 14.86 -1.84
CA CYS A 23 13.33 15.01 -2.14
C CYS A 23 13.07 15.08 -3.64
N LYS A 24 12.11 14.30 -4.12
CA LYS A 24 11.80 14.25 -5.56
C LYS A 24 10.36 14.65 -5.88
N SER A 25 9.67 15.25 -4.92
CA SER A 25 8.27 15.59 -5.10
C SER A 25 8.08 16.64 -6.19
N LEU A 26 6.92 16.64 -6.83
CA LEU A 26 6.61 17.69 -7.79
C LEU A 26 6.50 19.04 -7.06
N LEU A 27 6.12 19.01 -5.79
CA LEU A 27 6.08 20.23 -4.99
C LEU A 27 7.45 20.91 -4.96
N LYS A 28 8.47 20.15 -4.60
CA LYS A 28 9.83 20.68 -4.53
C LYS A 28 10.34 21.11 -5.91
N LYS A 29 10.03 20.31 -6.93
CA LYS A 29 10.44 20.59 -8.30
C LYS A 29 9.91 21.94 -8.80
N HIS A 30 8.64 22.21 -8.53
CA HIS A 30 7.98 23.36 -9.15
C HIS A 30 7.76 24.57 -8.25
N LEU A 31 7.96 24.41 -6.94
CA LEU A 31 7.84 25.53 -6.02
C LEU A 31 9.15 26.31 -5.97
N THR A 32 9.43 27.03 -7.06
CA THR A 32 10.62 27.86 -7.16
C THR A 32 10.48 29.05 -6.22
N LYS A 33 11.61 29.68 -5.90
CA LYS A 33 11.59 30.88 -5.05
C LYS A 33 10.67 31.95 -5.63
N ASP A 34 10.77 32.22 -6.93
CA ASP A 34 9.95 33.25 -7.56
C ASP A 34 8.45 32.92 -7.55
N VAL A 35 8.12 31.65 -7.75
CA VAL A 35 6.72 31.23 -7.67
C VAL A 35 6.23 31.34 -6.23
N PHE A 36 7.05 30.86 -5.30
CA PHE A 36 6.73 30.93 -3.87
C PHE A 36 6.41 32.37 -3.46
N ASP A 37 7.32 33.30 -3.78
CA ASP A 37 7.12 34.70 -3.44
C ASP A 37 5.87 35.30 -4.08
N SER A 38 5.58 34.88 -5.31
CA SER A 38 4.46 35.47 -6.04
C SER A 38 3.08 35.06 -5.51
N ILE A 39 3.00 33.96 -4.76
CA ILE A 39 1.70 33.49 -4.29
C ILE A 39 1.55 33.31 -2.77
N LYS A 40 2.66 33.38 -2.03
CA LYS A 40 2.61 33.06 -0.60
C LYS A 40 1.70 33.98 0.22
N ASN A 41 1.43 35.17 -0.31
CA ASN A 41 0.60 36.14 0.38
C ASN A 41 -0.83 36.14 -0.12
N LYS A 42 -1.14 35.19 -1.00
CA LYS A 42 -2.47 35.12 -1.60
C LYS A 42 -3.41 34.23 -0.77
N LYS A 43 -4.71 34.44 -0.99
CA LYS A 43 -5.73 33.72 -0.24
C LYS A 43 -6.99 33.65 -1.10
N THR A 44 -7.73 32.55 -1.00
CA THR A 44 -8.95 32.42 -1.79
C THR A 44 -10.11 33.13 -1.10
N GLY A 45 -11.22 33.26 -1.80
CA GLY A 45 -12.40 33.88 -1.22
C GLY A 45 -12.91 33.12 -0.03
N MET A 46 -12.67 31.81 -0.02
CA MET A 46 -13.10 30.96 1.08
C MET A 46 -12.07 30.94 2.21
N GLY A 47 -10.92 31.55 1.96
CA GLY A 47 -9.92 31.75 3.00
C GLY A 47 -8.76 30.77 3.01
N ALA A 48 -8.59 30.00 1.93
CA ALA A 48 -7.48 29.05 1.85
C ALA A 48 -6.18 29.78 1.50
N THR A 49 -5.07 29.33 2.09
CA THR A 49 -3.76 29.88 1.79
C THR A 49 -2.88 28.82 1.14
N LEU A 50 -1.67 29.22 0.75
CA LEU A 50 -0.72 28.28 0.15
C LEU A 50 -0.38 27.16 1.11
N LEU A 51 -0.44 27.45 2.40
CA LEU A 51 -0.18 26.42 3.40
C LEU A 51 -1.22 25.32 3.29
N ASP A 52 -2.48 25.69 3.05
CA ASP A 52 -3.55 24.70 2.86
C ASP A 52 -3.38 23.87 1.58
N VAL A 53 -2.42 24.26 0.75
CA VAL A 53 -2.11 23.53 -0.48
C VAL A 53 -0.92 22.60 -0.31
N ILE A 54 0.15 23.11 0.31
CA ILE A 54 1.44 22.41 0.30
C ILE A 54 1.82 21.70 1.60
N GLN A 55 1.02 21.90 2.64
CA GLN A 55 1.24 21.28 3.96
C GLN A 55 1.71 19.84 3.91
N SER A 56 0.95 19.01 3.22
CA SER A 56 1.19 17.56 3.20
C SER A 56 2.56 17.25 2.62
N GLY A 57 2.93 17.94 1.55
CA GLY A 57 4.20 17.69 0.88
C GLY A 57 5.41 18.18 1.66
N VAL A 58 5.19 19.18 2.53
CA VAL A 58 6.26 19.67 3.41
C VAL A 58 6.48 18.68 4.55
N GLU A 59 5.40 18.22 5.16
CA GLU A 59 5.47 17.27 6.27
C GLU A 59 5.89 15.89 5.79
N ASN A 60 5.48 15.54 4.57
CA ASN A 60 5.84 14.26 3.98
C ASN A 60 6.70 14.45 2.73
N LEU A 61 7.99 14.54 2.94
CA LEU A 61 8.92 14.85 1.85
C LEU A 61 8.94 13.74 0.79
N ASP A 62 8.51 12.55 1.15
CA ASP A 62 8.51 11.43 0.21
C ASP A 62 7.26 11.39 -0.66
N SER A 63 6.41 12.41 -0.54
CA SER A 63 5.25 12.54 -1.39
C SER A 63 5.66 12.58 -2.86
N GLY A 64 4.89 11.89 -3.72
CA GLY A 64 5.14 11.95 -5.14
C GLY A 64 4.79 13.33 -5.68
N VAL A 65 3.61 13.82 -5.31
CA VAL A 65 3.16 15.13 -5.76
C VAL A 65 3.34 16.16 -4.67
N GLY A 66 2.55 16.04 -3.59
CA GLY A 66 2.78 16.85 -2.40
C GLY A 66 1.93 18.10 -2.27
N ILE A 67 0.92 18.25 -3.14
CA ILE A 67 -0.03 19.34 -3.00
C ILE A 67 -1.47 18.85 -3.13
N TYR A 68 -2.37 19.56 -2.46
CA TYR A 68 -3.80 19.30 -2.57
C TYR A 68 -4.53 20.62 -2.78
N ALA A 69 -5.77 20.54 -3.26
CA ALA A 69 -6.61 21.71 -3.43
C ALA A 69 -7.54 21.88 -2.23
N PRO A 70 -7.42 23.00 -1.51
CA PRO A 70 -8.30 23.26 -0.36
C PRO A 70 -9.68 23.76 -0.77
N ASP A 71 -9.82 24.23 -2.00
CA ASP A 71 -11.14 24.60 -2.53
C ASP A 71 -11.05 24.77 -4.05
N ALA A 72 -12.18 25.09 -4.68
CA ALA A 72 -12.20 25.21 -6.14
C ALA A 72 -11.32 26.34 -6.62
N GLU A 73 -11.40 27.47 -5.93
CA GLU A 73 -10.69 28.68 -6.32
C GLU A 73 -9.17 28.53 -6.27
N SER A 74 -8.68 27.63 -5.44
CA SER A 74 -7.24 27.48 -5.25
C SER A 74 -6.51 27.11 -6.56
N TYR A 75 -7.21 26.42 -7.47
CA TYR A 75 -6.63 26.07 -8.76
C TYR A 75 -6.24 27.30 -9.56
N ARG A 76 -6.99 28.39 -9.36
CA ARG A 76 -6.70 29.66 -10.00
C ARG A 76 -5.76 30.50 -9.16
N THR A 77 -6.13 30.72 -7.91
CA THR A 77 -5.37 31.57 -6.99
C THR A 77 -3.92 31.15 -6.89
N PHE A 78 -3.69 29.84 -6.79
CA PHE A 78 -2.34 29.30 -6.74
C PHE A 78 -1.97 28.61 -8.03
N GLY A 79 -2.52 29.11 -9.13
CA GLY A 79 -2.23 28.61 -10.45
C GLY A 79 -0.75 28.52 -10.80
N PRO A 80 0.04 29.52 -10.37
CA PRO A 80 1.48 29.46 -10.64
C PRO A 80 2.14 28.18 -10.12
N LEU A 81 1.55 27.55 -9.12
CA LEU A 81 2.06 26.26 -8.64
C LEU A 81 1.29 25.08 -9.25
N PHE A 82 -0.04 25.17 -9.25
CA PHE A 82 -0.85 24.10 -9.83
C PHE A 82 -0.56 23.84 -11.30
N ASP A 83 -0.44 24.89 -12.10
CA ASP A 83 -0.32 24.74 -13.56
C ASP A 83 0.87 23.84 -13.94
N PRO A 84 2.07 24.18 -13.45
CA PRO A 84 3.22 23.33 -13.79
C PRO A 84 3.10 21.92 -13.24
N ILE A 85 2.58 21.76 -12.02
CA ILE A 85 2.45 20.43 -11.42
C ILE A 85 1.45 19.56 -12.19
N ILE A 86 0.32 20.17 -12.57
CA ILE A 86 -0.68 19.46 -13.35
C ILE A 86 -0.09 19.05 -14.70
N ASP A 87 0.62 19.97 -15.34
CA ASP A 87 1.27 19.69 -16.62
C ASP A 87 2.22 18.51 -16.52
N ASP A 88 3.00 18.49 -15.44
CA ASP A 88 4.03 17.47 -15.25
C ASP A 88 3.40 16.11 -14.95
N TYR A 89 2.51 16.05 -13.96
CA TYR A 89 1.94 14.78 -13.54
C TYR A 89 1.09 14.12 -14.64
N HIS A 90 0.34 14.94 -15.36
CA HIS A 90 -0.58 14.43 -16.38
C HIS A 90 0.10 14.20 -17.72
N GLY A 91 1.42 14.40 -17.77
CA GLY A 91 2.21 14.04 -18.94
C GLY A 91 2.04 14.97 -20.12
N GLY A 92 1.77 16.24 -19.85
CA GLY A 92 1.60 17.21 -20.90
C GLY A 92 0.22 17.82 -20.93
N PHE A 93 0.07 18.93 -20.22
CA PHE A 93 -1.15 19.71 -20.26
C PHE A 93 -0.73 21.17 -20.18
N LYS A 94 -0.50 21.77 -21.33
CA LYS A 94 0.05 23.12 -21.42
C LYS A 94 -0.84 24.18 -20.80
N LEU A 95 -0.24 25.32 -20.50
CA LEU A 95 -0.96 26.48 -19.98
C LEU A 95 -2.19 26.81 -20.84
N THR A 96 -2.07 26.65 -22.14
CA THR A 96 -3.17 27.01 -23.05
C THR A 96 -4.14 25.86 -23.31
N ASP A 97 -3.81 24.66 -22.86
CA ASP A 97 -4.68 23.50 -23.07
C ASP A 97 -5.98 23.63 -22.27
N LYS A 98 -7.05 23.08 -22.81
CA LYS A 98 -8.31 23.07 -22.09
C LYS A 98 -8.99 21.70 -22.19
N HIS A 99 -9.39 21.18 -21.04
CA HIS A 99 -10.09 19.92 -20.99
C HIS A 99 -11.43 20.04 -21.72
N PRO A 100 -11.76 19.04 -22.55
CA PRO A 100 -12.99 19.09 -23.36
C PRO A 100 -14.22 19.23 -22.47
N PRO A 101 -15.30 19.84 -22.98
CA PRO A 101 -16.55 19.88 -22.21
C PRO A 101 -17.06 18.47 -21.91
N LYS A 102 -17.79 18.31 -20.82
CA LYS A 102 -18.27 16.99 -20.42
C LYS A 102 -19.14 16.38 -21.50
N GLN A 103 -18.95 15.08 -21.74
CA GLN A 103 -19.79 14.36 -22.70
C GLN A 103 -19.78 12.86 -22.43
N TRP A 104 -20.91 12.35 -21.96
CA TRP A 104 -21.09 10.91 -21.77
C TRP A 104 -21.04 10.15 -23.10
N GLY A 105 -21.50 10.80 -24.17
CA GLY A 105 -21.44 10.21 -25.49
C GLY A 105 -22.62 9.32 -25.85
N ASP A 106 -22.54 8.65 -26.99
CA ASP A 106 -23.61 7.79 -27.48
C ASP A 106 -23.46 6.38 -26.93
N ILE A 107 -24.22 6.09 -25.88
CA ILE A 107 -24.14 4.80 -25.19
CA ILE A 107 -24.12 4.80 -25.19
C ILE A 107 -24.49 3.63 -26.10
N ASN A 108 -25.28 3.90 -27.14
CA ASN A 108 -25.64 2.86 -28.11
C ASN A 108 -24.43 2.29 -28.83
N THR A 109 -23.37 3.09 -28.94
CA THR A 109 -22.17 2.64 -29.62
C THR A 109 -21.36 1.72 -28.72
N LEU A 110 -21.81 1.55 -27.48
CA LEU A 110 -21.10 0.71 -26.54
C LEU A 110 -21.68 -0.69 -26.50
N VAL A 111 -20.88 -1.66 -26.08
CA VAL A 111 -21.30 -3.05 -26.07
C VAL A 111 -20.76 -3.76 -24.84
N GLY A 112 -21.44 -4.84 -24.46
CA GLY A 112 -20.98 -5.65 -23.35
C GLY A 112 -19.79 -6.46 -23.83
N LEU A 113 -18.81 -6.67 -22.95
CA LEU A 113 -17.61 -7.38 -23.33
C LEU A 113 -17.61 -8.79 -22.77
N ASP A 114 -17.20 -9.75 -23.61
CA ASP A 114 -16.94 -11.11 -23.14
C ASP A 114 -18.03 -11.68 -22.24
N PRO A 115 -19.29 -11.68 -22.71
N PRO A 115 -19.29 -11.69 -22.73
CA PRO A 115 -20.38 -12.25 -21.91
CA PRO A 115 -20.40 -12.26 -21.97
C PRO A 115 -20.11 -13.71 -21.54
C PRO A 115 -20.11 -13.69 -21.55
N ALA A 116 -19.44 -14.44 -22.43
CA ALA A 116 -19.10 -15.83 -22.13
C ALA A 116 -18.19 -15.96 -20.91
N GLY A 117 -17.50 -14.87 -20.57
CA GLY A 117 -16.67 -14.86 -19.38
C GLY A 117 -15.39 -15.68 -19.48
N GLN A 118 -14.80 -15.72 -20.67
CA GLN A 118 -13.56 -16.46 -20.86
C GLN A 118 -12.33 -15.68 -20.39
N PHE A 119 -12.45 -14.35 -20.29
CA PHE A 119 -11.29 -13.51 -19.99
C PHE A 119 -11.53 -12.52 -18.85
N ILE A 120 -12.63 -11.78 -18.94
CA ILE A 120 -12.95 -10.75 -17.96
C ILE A 120 -13.60 -11.28 -16.68
N ILE A 121 -13.05 -10.89 -15.54
CA ILE A 121 -13.59 -11.30 -14.24
C ILE A 121 -14.60 -10.30 -13.70
N SER A 122 -14.29 -9.01 -13.83
CA SER A 122 -15.14 -7.98 -13.27
C SER A 122 -14.88 -6.63 -13.92
N THR A 123 -15.84 -5.72 -13.77
CA THR A 123 -15.76 -4.41 -14.40
C THR A 123 -16.18 -3.34 -13.40
N ARG A 124 -15.55 -2.18 -13.47
CA ARG A 124 -16.01 -1.05 -12.68
C ARG A 124 -15.64 0.27 -13.33
N VAL A 125 -16.48 1.27 -13.10
CA VAL A 125 -16.16 2.61 -13.52
C VAL A 125 -16.33 3.50 -12.31
N ARG A 126 -15.32 4.34 -12.04
CA ARG A 126 -15.37 5.23 -10.90
C ARG A 126 -15.17 6.66 -11.36
N CYS A 127 -15.81 7.60 -10.68
CA CYS A 127 -15.52 9.01 -10.88
C CYS A 127 -15.63 9.74 -9.55
N GLY A 128 -15.33 11.03 -9.54
CA GLY A 128 -15.42 11.82 -8.33
C GLY A 128 -16.02 13.17 -8.60
N ARG A 129 -16.63 13.78 -7.59
CA ARG A 129 -17.27 15.08 -7.75
C ARG A 129 -17.13 15.95 -6.51
N SER A 130 -16.89 17.24 -6.72
CA SER A 130 -16.99 18.24 -5.67
C SER A 130 -18.31 18.99 -5.84
N LEU A 131 -18.90 19.41 -4.74
CA LEU A 131 -20.16 20.15 -4.79
C LEU A 131 -19.93 21.67 -4.83
N GLN A 132 -20.54 22.32 -5.80
CA GLN A 132 -20.47 23.77 -5.92
C GLN A 132 -20.81 24.43 -4.59
N GLY A 133 -19.98 25.39 -4.19
CA GLY A 133 -20.26 26.18 -3.00
C GLY A 133 -19.61 25.70 -1.72
N TYR A 134 -18.95 24.54 -1.76
CA TYR A 134 -18.28 24.02 -0.58
C TYR A 134 -16.78 24.03 -0.76
N PRO A 135 -16.05 24.33 0.32
CA PRO A 135 -14.60 24.12 0.30
C PRO A 135 -14.31 22.63 0.20
N PHE A 136 -13.08 22.27 -0.10
CA PHE A 136 -12.68 20.87 -0.16
C PHE A 136 -12.18 20.44 1.22
N ASN A 137 -11.81 19.17 1.34
CA ASN A 137 -11.44 18.55 2.62
C ASN A 137 -10.59 19.38 3.59
N PRO A 138 -9.52 20.02 3.09
CA PRO A 138 -8.62 20.73 4.01
C PRO A 138 -9.27 21.92 4.71
N CYS A 139 -10.41 22.39 4.18
CA CYS A 139 -11.01 23.63 4.66
C CYS A 139 -12.45 23.53 5.12
N LEU A 140 -13.03 22.33 5.08
CA LEU A 140 -14.40 22.14 5.55
C LEU A 140 -14.48 22.17 7.08
N THR A 141 -15.47 22.90 7.60
CA THR A 141 -15.73 22.91 9.03
C THR A 141 -16.65 21.77 9.43
N ALA A 142 -16.80 21.53 10.73
CA ALA A 142 -17.69 20.49 11.20
C ALA A 142 -19.12 20.76 10.75
N GLU A 143 -19.59 21.99 10.96
CA GLU A 143 -20.94 22.35 10.52
C GLU A 143 -21.13 22.11 9.02
N GLN A 144 -20.10 22.38 8.23
CA GLN A 144 -20.18 22.20 6.78
C GLN A 144 -20.27 20.73 6.42
N TYR A 145 -19.48 19.90 7.08
CA TYR A 145 -19.52 18.46 6.88
C TYR A 145 -20.92 17.93 7.17
N LYS A 146 -21.43 18.29 8.35
CA LYS A 146 -22.75 17.86 8.81
C LYS A 146 -23.85 18.26 7.83
N GLU A 147 -23.84 19.53 7.44
CA GLU A 147 -24.87 20.07 6.56
C GLU A 147 -24.80 19.43 5.17
N MET A 148 -23.59 19.21 4.67
CA MET A 148 -23.41 18.58 3.37
C MET A 148 -23.95 17.14 3.37
N GLU A 149 -23.58 16.36 4.37
CA GLU A 149 -24.05 14.98 4.47
C GLU A 149 -25.57 14.92 4.46
N GLU A 150 -26.21 15.89 5.11
CA GLU A 150 -27.67 15.93 5.13
C GLU A 150 -28.25 16.04 3.73
N LYS A 151 -27.65 16.88 2.91
CA LYS A 151 -28.12 17.09 1.54
C LYS A 151 -27.76 15.89 0.65
N VAL A 152 -26.55 15.35 0.84
CA VAL A 152 -26.13 14.18 0.07
C VAL A 152 -26.96 12.95 0.44
N SER A 153 -27.16 12.75 1.75
CA SER A 153 -27.94 11.61 2.22
C SER A 153 -29.37 11.64 1.68
N SER A 154 -29.99 12.81 1.75
CA SER A 154 -31.35 12.99 1.26
C SER A 154 -31.42 12.64 -0.23
N THR A 155 -30.44 13.12 -0.99
CA THR A 155 -30.39 12.90 -2.44
C THR A 155 -30.24 11.42 -2.81
N LEU A 156 -29.30 10.75 -2.16
CA LEU A 156 -29.05 9.34 -2.45
C LEU A 156 -30.18 8.44 -1.95
N SER A 157 -30.78 8.80 -0.83
CA SER A 157 -31.84 7.98 -0.24
C SER A 157 -33.13 8.07 -1.04
N SER A 158 -33.27 9.09 -1.88
CA SER A 158 -34.47 9.25 -2.68
C SER A 158 -34.28 8.69 -4.09
N MET A 159 -33.15 8.03 -4.32
CA MET A 159 -32.94 7.36 -5.60
C MET A 159 -33.78 6.09 -5.68
N GLU A 160 -34.31 5.81 -6.86
CA GLU A 160 -35.28 4.73 -7.01
C GLU A 160 -34.81 3.60 -7.92
N ASP A 161 -35.59 2.51 -7.91
CA ASP A 161 -35.37 1.37 -8.80
C ASP A 161 -34.00 0.74 -8.61
N GLU A 162 -33.27 0.58 -9.71
CA GLU A 162 -31.97 -0.09 -9.65
C GLU A 162 -31.01 0.62 -8.69
N LEU A 163 -31.15 1.94 -8.55
CA LEU A 163 -30.24 2.73 -7.72
C LEU A 163 -30.73 2.84 -6.28
N LYS A 164 -31.90 2.28 -6.01
CA LYS A 164 -32.45 2.30 -4.66
C LYS A 164 -31.50 1.61 -3.69
N GLY A 165 -31.28 2.21 -2.53
CA GLY A 165 -30.35 1.66 -1.57
C GLY A 165 -30.36 2.36 -0.23
N THR A 166 -29.38 2.03 0.61
CA THR A 166 -29.32 2.56 1.97
C THR A 166 -28.07 3.40 2.21
N TYR A 167 -28.25 4.51 2.91
CA TYR A 167 -27.14 5.34 3.35
C TYR A 167 -26.71 4.97 4.77
N TYR A 168 -25.41 4.84 4.97
CA TYR A 168 -24.86 4.52 6.29
C TYR A 168 -23.87 5.60 6.72
N PRO A 169 -24.28 6.44 7.67
CA PRO A 169 -23.33 7.44 8.18
C PRO A 169 -22.25 6.74 9.00
N LEU A 170 -21.02 7.22 8.91
CA LEU A 170 -19.97 6.71 9.79
C LEU A 170 -20.26 7.13 11.23
N THR A 171 -20.97 8.25 11.39
CA THR A 171 -21.28 8.76 12.72
C THR A 171 -22.28 7.84 13.40
N GLY A 172 -21.80 7.12 14.42
CA GLY A 172 -22.65 6.23 15.19
C GLY A 172 -22.81 4.85 14.60
N MET A 173 -21.98 4.53 13.60
CA MET A 173 -22.05 3.24 12.93
C MET A 173 -21.72 2.07 13.87
N SER A 174 -22.60 1.08 13.89
CA SER A 174 -22.43 -0.08 14.76
C SER A 174 -21.24 -0.94 14.35
N LYS A 175 -20.80 -1.80 15.25
CA LYS A 175 -19.72 -2.74 14.96
C LYS A 175 -20.18 -3.78 13.95
N ALA A 176 -21.45 -4.16 14.03
CA ALA A 176 -22.01 -5.13 13.10
C ALA A 176 -22.03 -4.54 11.70
N THR A 177 -22.50 -3.30 11.59
CA THR A 177 -22.56 -2.61 10.30
C THR A 177 -21.19 -2.48 9.68
N GLN A 178 -20.20 -2.08 10.49
CA GLN A 178 -18.83 -1.95 10.01
C GLN A 178 -18.36 -3.28 9.44
N GLN A 179 -18.67 -4.37 10.14
CA GLN A 179 -18.22 -5.70 9.72
C GLN A 179 -18.93 -6.16 8.45
N GLN A 180 -20.19 -5.77 8.29
CA GLN A 180 -20.94 -6.12 7.08
C GLN A 180 -20.39 -5.36 5.87
N LEU A 181 -20.03 -4.10 6.06
CA LEU A 181 -19.47 -3.31 4.99
C LEU A 181 -18.04 -3.78 4.66
N ILE A 182 -17.31 -4.18 5.68
CA ILE A 182 -15.99 -4.75 5.49
C ILE A 182 -16.04 -6.03 4.65
N ASP A 183 -16.95 -6.94 4.99
CA ASP A 183 -17.12 -8.16 4.21
C ASP A 183 -17.37 -7.82 2.74
N ASP A 184 -17.99 -6.68 2.49
CA ASP A 184 -18.25 -6.23 1.12
C ASP A 184 -17.14 -5.33 0.61
N HIS A 185 -16.25 -4.93 1.51
CA HIS A 185 -15.14 -4.03 1.17
C HIS A 185 -15.67 -2.64 0.78
N PHE A 186 -16.80 -2.27 1.38
CA PHE A 186 -17.44 -0.99 1.11
C PHE A 186 -17.04 0.06 2.14
N LEU A 187 -16.35 -0.35 3.20
CA LEU A 187 -16.07 0.58 4.28
C LEU A 187 -14.77 1.35 4.04
N PHE A 188 -14.73 2.59 4.50
CA PHE A 188 -13.48 3.35 4.57
C PHE A 188 -13.32 3.94 5.97
N LYS A 189 -12.13 4.44 6.26
CA LYS A 189 -11.83 5.01 7.57
C LYS A 189 -10.89 6.19 7.40
N GLU A 190 -10.33 6.68 8.50
CA GLU A 190 -9.44 7.82 8.44
C GLU A 190 -8.23 7.51 7.56
N GLY A 191 -7.80 8.51 6.78
CA GLY A 191 -6.73 8.33 5.82
C GLY A 191 -5.34 8.21 6.41
N ASP A 192 -4.36 7.98 5.56
CA ASP A 192 -2.97 7.85 5.99
C ASP A 192 -2.35 9.21 6.31
N ARG A 193 -1.03 9.21 6.54
CA ARG A 193 -0.32 10.42 6.94
C ARG A 193 -0.41 11.53 5.90
N PHE A 194 -0.53 11.17 4.63
CA PHE A 194 -0.58 12.18 3.57
C PHE A 194 -1.88 12.96 3.63
N LEU A 195 -2.95 12.27 4.00
CA LEU A 195 -4.27 12.90 4.10
C LEU A 195 -4.41 13.64 5.42
N GLN A 196 -3.99 13.00 6.50
CA GLN A 196 -4.03 13.60 7.83
C GLN A 196 -3.33 14.96 7.84
N THR A 197 -2.11 14.99 7.34
CA THR A 197 -1.30 16.21 7.36
C THR A 197 -1.79 17.23 6.33
N ALA A 198 -2.62 16.78 5.40
CA ALA A 198 -3.29 17.69 4.49
C ALA A 198 -4.54 18.30 5.13
N ASN A 199 -4.80 17.93 6.38
CA ASN A 199 -6.03 18.34 7.08
C ASN A 199 -7.28 17.81 6.39
N ALA A 200 -7.16 16.64 5.77
CA ALA A 200 -8.28 16.04 5.05
C ALA A 200 -9.14 15.13 5.92
N CYS A 201 -8.72 14.92 7.17
CA CYS A 201 -9.40 13.98 8.05
C CYS A 201 -9.85 14.59 9.38
N ARG A 202 -10.11 15.90 9.36
CA ARG A 202 -10.53 16.61 10.56
CA ARG A 202 -10.53 16.60 10.57
C ARG A 202 -12.00 16.33 10.90
N TYR A 203 -12.34 16.46 12.18
CA TYR A 203 -13.71 16.28 12.66
C TYR A 203 -14.30 14.91 12.30
N TRP A 204 -13.44 13.91 12.20
CA TRP A 204 -13.88 12.56 11.85
C TRP A 204 -14.84 12.06 12.92
N PRO A 205 -15.96 11.43 12.50
CA PRO A 205 -16.33 11.14 11.11
C PRO A 205 -17.52 11.98 10.66
N THR A 206 -17.65 13.19 11.17
CA THR A 206 -18.79 14.03 10.81
C THR A 206 -18.84 14.27 9.31
N GLY A 207 -19.98 13.98 8.70
CA GLY A 207 -20.16 14.22 7.28
C GLY A 207 -19.66 13.08 6.40
N ARG A 208 -19.09 12.05 7.01
CA ARG A 208 -18.62 10.88 6.28
C ARG A 208 -19.69 9.79 6.28
N GLY A 209 -19.91 9.20 5.11
CA GLY A 209 -20.94 8.17 4.97
C GLY A 209 -20.75 7.32 3.74
N ILE A 210 -21.48 6.22 3.69
CA ILE A 210 -21.39 5.26 2.59
C ILE A 210 -22.78 4.94 2.07
N PHE A 211 -22.95 4.98 0.75
CA PHE A 211 -24.22 4.55 0.17
C PHE A 211 -23.99 3.44 -0.84
N HIS A 212 -24.83 2.40 -0.80
CA HIS A 212 -24.83 1.43 -1.88
C HIS A 212 -26.24 1.00 -2.24
N ASN A 213 -26.47 0.68 -3.50
CA ASN A 213 -27.79 0.19 -3.88
C ASN A 213 -27.97 -1.25 -3.44
N ASP A 214 -29.22 -1.69 -3.33
CA ASP A 214 -29.55 -3.03 -2.89
C ASP A 214 -28.79 -4.11 -3.67
N ALA A 215 -28.57 -3.84 -4.94
CA ALA A 215 -27.92 -4.79 -5.84
C ALA A 215 -26.42 -4.90 -5.61
N LYS A 216 -25.87 -3.95 -4.85
CA LYS A 216 -24.43 -3.87 -4.62
C LYS A 216 -23.66 -3.71 -5.93
N THR A 217 -24.22 -2.93 -6.85
CA THR A 217 -23.56 -2.65 -8.13
C THR A 217 -23.35 -1.14 -8.26
N PHE A 218 -23.61 -0.42 -7.18
CA PHE A 218 -23.42 1.02 -7.13
C PHE A 218 -22.99 1.39 -5.71
N LEU A 219 -21.96 2.22 -5.60
CA LEU A 219 -21.39 2.60 -4.31
C LEU A 219 -20.94 4.05 -4.30
N VAL A 220 -21.30 4.78 -3.24
CA VAL A 220 -20.86 6.16 -3.07
C VAL A 220 -20.19 6.34 -1.71
N TRP A 221 -18.99 6.88 -1.73
CA TRP A 221 -18.33 7.29 -0.50
C TRP A 221 -18.52 8.78 -0.36
N VAL A 222 -18.98 9.22 0.81
CA VAL A 222 -19.20 10.63 1.06
C VAL A 222 -18.10 11.21 1.97
N ASN A 223 -17.39 12.21 1.44
CA ASN A 223 -16.32 12.90 2.15
C ASN A 223 -15.16 12.02 2.62
N GLU A 224 -14.78 11.03 1.81
CA GLU A 224 -13.55 10.31 2.07
C GLU A 224 -12.37 11.15 1.56
N GLU A 225 -12.26 11.26 0.25
CA GLU A 225 -11.19 12.02 -0.38
C GLU A 225 -11.76 13.22 -1.11
N ASP A 226 -12.84 13.01 -1.86
CA ASP A 226 -13.61 14.12 -2.42
C ASP A 226 -14.96 14.14 -1.73
N HIS A 227 -15.76 15.16 -2.02
CA HIS A 227 -17.11 15.21 -1.47
C HIS A 227 -17.85 13.93 -1.86
N LEU A 228 -17.70 13.53 -3.12
CA LEU A 228 -18.32 12.31 -3.61
C LEU A 228 -17.33 11.48 -4.40
N ARG A 229 -17.26 10.20 -4.06
CA ARG A 229 -16.58 9.20 -4.89
C ARG A 229 -17.66 8.22 -5.32
N ILE A 230 -17.87 8.09 -6.63
CA ILE A 230 -19.03 7.40 -7.16
C ILE A 230 -18.61 6.24 -8.06
N ILE A 231 -19.04 5.03 -7.71
CA ILE A 231 -18.55 3.83 -8.39
C ILE A 231 -19.68 2.94 -8.87
N SER A 232 -19.54 2.41 -10.08
CA SER A 232 -20.45 1.42 -10.59
C SER A 232 -19.63 0.16 -10.87
N MET A 233 -20.13 -1.00 -10.46
CA MET A 233 -19.36 -2.23 -10.61
C MET A 233 -20.25 -3.47 -10.72
N GLN A 234 -19.70 -4.53 -11.30
CA GLN A 234 -20.35 -5.85 -11.27
C GLN A 234 -19.35 -6.89 -11.76
N LYS A 235 -19.67 -8.17 -11.59
CA LYS A 235 -18.84 -9.21 -12.16
C LYS A 235 -19.11 -9.30 -13.65
N GLY A 236 -18.17 -9.90 -14.38
CA GLY A 236 -18.28 -10.00 -15.82
C GLY A 236 -17.84 -8.73 -16.53
N GLY A 237 -18.07 -8.67 -17.83
CA GLY A 237 -17.51 -7.60 -18.65
C GLY A 237 -18.51 -6.67 -19.31
N ASP A 238 -19.71 -6.54 -18.77
CA ASP A 238 -20.69 -5.62 -19.36
C ASP A 238 -20.39 -4.15 -19.04
N LEU A 239 -19.34 -3.62 -19.67
CA LEU A 239 -18.94 -2.24 -19.45
C LEU A 239 -20.03 -1.25 -19.84
N LYS A 240 -20.77 -1.57 -20.89
CA LYS A 240 -21.87 -0.71 -21.33
C LYS A 240 -22.87 -0.50 -20.18
N THR A 241 -23.27 -1.59 -19.54
CA THR A 241 -24.24 -1.50 -18.46
C THR A 241 -23.66 -0.82 -17.22
N VAL A 242 -22.41 -1.15 -16.89
CA VAL A 242 -21.73 -0.51 -15.77
C VAL A 242 -21.64 1.02 -15.96
N TYR A 243 -21.24 1.43 -17.16
CA TYR A 243 -21.14 2.85 -17.53
C TYR A 243 -22.51 3.55 -17.50
N LYS A 244 -23.50 2.91 -18.11
CA LYS A 244 -24.84 3.50 -18.16
C LYS A 244 -25.42 3.73 -16.77
N ARG A 245 -25.20 2.78 -15.87
CA ARG A 245 -25.65 2.90 -14.49
C ARG A 245 -24.99 4.10 -13.84
N LEU A 246 -23.69 4.25 -14.05
CA LEU A 246 -22.95 5.37 -13.48
C LEU A 246 -23.52 6.70 -13.99
N VAL A 247 -23.70 6.78 -15.31
CA VAL A 247 -24.22 8.00 -15.93
C VAL A 247 -25.58 8.35 -15.36
N THR A 248 -26.43 7.33 -15.22
CA THR A 248 -27.76 7.54 -14.67
C THR A 248 -27.69 8.12 -13.26
N ALA A 249 -26.83 7.55 -12.42
CA ALA A 249 -26.70 8.02 -11.04
C ALA A 249 -26.09 9.41 -10.92
N VAL A 250 -25.03 9.69 -11.69
CA VAL A 250 -24.39 11.00 -11.63
C VAL A 250 -25.33 12.11 -12.09
N ASP A 251 -26.03 11.88 -13.20
CA ASP A 251 -27.02 12.83 -13.69
C ASP A 251 -28.08 13.08 -12.62
N ASN A 252 -28.52 12.00 -11.97
CA ASN A 252 -29.54 12.10 -10.93
C ASN A 252 -29.04 12.96 -9.77
N ILE A 253 -27.83 12.68 -9.31
CA ILE A 253 -27.24 13.45 -8.22
C ILE A 253 -27.11 14.93 -8.59
N GLU A 254 -26.61 15.19 -9.79
CA GLU A 254 -26.36 16.55 -10.25
C GLU A 254 -27.63 17.39 -10.25
N SER A 255 -28.74 16.76 -10.65
CA SER A 255 -30.01 17.48 -10.75
C SER A 255 -30.40 18.12 -9.42
N LYS A 256 -29.89 17.55 -8.34
CA LYS A 256 -30.13 18.13 -7.02
C LYS A 256 -28.93 18.88 -6.44
N LEU A 257 -27.72 18.40 -6.77
CA LEU A 257 -26.49 18.97 -6.21
C LEU A 257 -25.48 19.35 -7.28
N PRO A 258 -25.45 20.64 -7.67
CA PRO A 258 -24.53 21.12 -8.70
C PRO A 258 -23.07 20.80 -8.39
N PHE A 259 -22.30 20.45 -9.43
CA PHE A 259 -20.90 20.09 -9.26
C PHE A 259 -19.99 21.28 -9.55
N SER A 260 -18.82 21.27 -8.92
CA SER A 260 -17.75 22.22 -9.22
C SER A 260 -17.02 21.84 -10.50
N HIS A 261 -17.08 22.70 -11.51
CA HIS A 261 -16.47 22.41 -12.81
C HIS A 261 -15.68 23.61 -13.30
N ASP A 262 -14.61 23.35 -14.04
CA ASP A 262 -13.72 24.41 -14.52
C ASP A 262 -13.56 24.30 -16.03
N ASP A 263 -13.64 25.43 -16.71
CA ASP A 263 -13.54 25.46 -18.18
C ASP A 263 -12.21 24.91 -18.68
N ARG A 264 -11.18 24.96 -17.85
CA ARG A 264 -9.88 24.45 -18.27
C ARG A 264 -9.53 23.09 -17.67
N PHE A 265 -9.84 22.89 -16.38
CA PHE A 265 -9.43 21.66 -15.69
C PHE A 265 -10.54 20.61 -15.56
N GLY A 266 -11.74 20.92 -16.05
CA GLY A 266 -12.85 19.98 -15.94
C GLY A 266 -13.42 19.89 -14.53
N PHE A 267 -13.71 18.69 -14.06
CA PHE A 267 -14.26 18.57 -12.70
C PHE A 267 -13.16 18.75 -11.65
N LEU A 268 -13.37 19.71 -10.76
CA LEU A 268 -12.38 20.06 -9.76
C LEU A 268 -12.45 19.13 -8.55
N THR A 269 -11.30 18.60 -8.15
CA THR A 269 -11.22 17.61 -7.10
C THR A 269 -10.16 18.01 -6.08
N PHE A 270 -10.23 17.39 -4.90
CA PHE A 270 -9.28 17.58 -3.82
C PHE A 270 -7.83 17.29 -4.24
N CYS A 271 -7.63 16.27 -5.06
N CYS A 271 -7.65 16.27 -5.07
CA CYS A 271 -6.28 15.98 -5.55
CA CYS A 271 -6.34 15.93 -5.62
C CYS A 271 -6.14 16.34 -7.03
C CYS A 271 -6.21 16.45 -7.05
N PRO A 272 -5.06 17.08 -7.37
CA PRO A 272 -4.83 17.56 -8.73
C PRO A 272 -4.46 16.44 -9.68
N THR A 273 -4.16 15.26 -9.14
CA THR A 273 -3.90 14.09 -9.99
C THR A 273 -5.20 13.53 -10.55
N ASN A 274 -6.33 14.04 -10.07
CA ASN A 274 -7.62 13.59 -10.56
C ASN A 274 -8.03 14.46 -11.75
N LEU A 275 -8.89 15.46 -11.49
CA LEU A 275 -9.28 16.42 -12.52
C LEU A 275 -9.83 15.82 -13.81
N GLY A 276 -10.22 16.70 -14.73
CA GLY A 276 -10.77 16.31 -16.02
C GLY A 276 -12.08 15.55 -15.92
N THR A 277 -12.06 14.30 -16.35
CA THR A 277 -13.23 13.43 -16.23
C THR A 277 -13.34 12.87 -14.81
N THR A 278 -12.23 12.96 -14.06
CA THR A 278 -12.11 12.25 -12.78
C THR A 278 -12.42 10.76 -12.90
N MET A 279 -12.47 10.24 -14.13
CA MET A 279 -13.03 8.91 -14.36
C MET A 279 -12.00 7.82 -14.65
N ARG A 280 -12.17 6.68 -14.00
CA ARG A 280 -11.32 5.53 -14.22
C ARG A 280 -12.17 4.30 -14.49
N ALA A 281 -12.29 3.91 -15.75
CA ALA A 281 -12.94 2.65 -16.09
C ALA A 281 -11.88 1.56 -16.04
N SER A 282 -12.21 0.42 -15.45
CA SER A 282 -11.24 -0.67 -15.32
C SER A 282 -11.88 -2.04 -15.46
N VAL A 283 -11.12 -2.99 -15.96
CA VAL A 283 -11.53 -4.38 -15.92
C VAL A 283 -10.46 -5.24 -15.29
N HIS A 284 -10.89 -6.24 -14.52
CA HIS A 284 -10.00 -7.25 -14.01
C HIS A 284 -10.07 -8.39 -15.02
N ILE A 285 -8.95 -8.71 -15.65
CA ILE A 285 -8.98 -9.58 -16.82
C ILE A 285 -7.81 -10.57 -16.83
N GLN A 286 -8.06 -11.76 -17.37
CA GLN A 286 -7.03 -12.79 -17.46
C GLN A 286 -6.56 -12.97 -18.90
N LEU A 287 -5.29 -12.67 -19.16
CA LEU A 287 -4.74 -12.82 -20.51
C LEU A 287 -3.44 -13.62 -20.43
N PRO A 288 -3.54 -14.88 -20.02
CA PRO A 288 -2.40 -15.77 -19.75
C PRO A 288 -1.41 -15.80 -20.90
N LYS A 289 -1.92 -15.85 -22.12
CA LYS A 289 -1.04 -15.97 -23.28
C LYS A 289 -0.31 -14.66 -23.61
N LEU A 290 -1.00 -13.52 -23.46
CA LEU A 290 -0.35 -12.24 -23.70
C LEU A 290 0.63 -11.96 -22.56
N ALA A 291 0.45 -12.64 -21.44
CA ALA A 291 1.30 -12.47 -20.28
C ALA A 291 2.74 -12.92 -20.52
N LYS A 292 2.93 -13.83 -21.47
CA LYS A 292 4.27 -14.34 -21.76
C LYS A 292 4.97 -13.52 -22.85
N ASP A 293 4.21 -12.60 -23.47
CA ASP A 293 4.77 -11.64 -24.41
C ASP A 293 4.24 -10.26 -24.09
N ARG A 294 4.57 -9.77 -22.89
CA ARG A 294 3.97 -8.55 -22.36
C ARG A 294 4.11 -7.33 -23.26
N LYS A 295 5.10 -7.37 -24.15
CA LYS A 295 5.33 -6.24 -25.06
C LYS A 295 4.13 -5.99 -25.96
N VAL A 296 3.55 -7.07 -26.50
CA VAL A 296 2.37 -6.96 -27.34
C VAL A 296 1.24 -6.31 -26.55
N LEU A 297 1.12 -6.70 -25.28
CA LEU A 297 0.08 -6.15 -24.41
C LEU A 297 0.30 -4.67 -24.19
N GLU A 298 1.50 -4.31 -23.76
CA GLU A 298 1.84 -2.92 -23.47
C GLU A 298 1.67 -2.01 -24.68
N ASP A 299 2.04 -2.51 -25.85
CA ASP A 299 1.87 -1.75 -27.08
C ASP A 299 0.39 -1.53 -27.40
N ILE A 300 -0.41 -2.57 -27.20
CA ILE A 300 -1.85 -2.43 -27.37
C ILE A 300 -2.40 -1.40 -26.39
N ALA A 301 -1.98 -1.50 -25.14
CA ALA A 301 -2.42 -0.58 -24.09
C ALA A 301 -2.05 0.86 -24.41
N SER A 302 -0.86 1.06 -24.96
CA SER A 302 -0.43 2.39 -25.36
C SER A 302 -1.33 2.94 -26.45
N LYS A 303 -1.64 2.08 -27.43
CA LYS A 303 -2.42 2.50 -28.58
C LYS A 303 -3.76 3.11 -28.16
N PHE A 304 -4.29 2.62 -27.04
CA PHE A 304 -5.60 3.05 -26.55
C PHE A 304 -5.49 3.85 -25.25
N ASN A 305 -4.28 4.28 -24.94
CA ASN A 305 -4.03 5.09 -23.75
C ASN A 305 -4.53 4.42 -22.48
N LEU A 306 -4.20 3.13 -22.35
CA LEU A 306 -4.60 2.35 -21.19
C LEU A 306 -3.41 1.99 -20.32
N GLN A 307 -3.68 1.72 -19.05
CA GLN A 307 -2.66 1.34 -18.09
C GLN A 307 -2.84 -0.12 -17.70
N VAL A 308 -1.75 -0.88 -17.71
CA VAL A 308 -1.81 -2.30 -17.34
C VAL A 308 -1.09 -2.56 -16.02
N ARG A 309 -1.81 -3.11 -15.06
CA ARG A 309 -1.22 -3.47 -13.78
C ARG A 309 -1.28 -4.97 -13.56
N GLY A 310 -0.12 -5.61 -13.50
CA GLY A 310 -0.05 -7.05 -13.31
C GLY A 310 0.53 -7.42 -11.95
N GLY A 320 0.85 -15.59 -13.16
CA GLY A 320 0.55 -14.34 -13.85
C GLY A 320 -0.60 -14.47 -14.84
N GLY A 321 -0.83 -13.43 -15.62
CA GLY A 321 -1.89 -13.42 -16.60
C GLY A 321 -3.07 -12.59 -16.16
N VAL A 322 -3.15 -12.31 -14.86
CA VAL A 322 -4.25 -11.52 -14.33
C VAL A 322 -3.85 -10.05 -14.27
N TYR A 323 -4.69 -9.18 -14.85
CA TYR A 323 -4.36 -7.77 -14.98
C TYR A 323 -5.51 -6.86 -14.60
N ASP A 324 -5.19 -5.70 -14.04
CA ASP A 324 -6.16 -4.63 -13.92
C ASP A 324 -5.82 -3.60 -14.98
N ILE A 325 -6.70 -3.46 -15.97
CA ILE A 325 -6.49 -2.55 -17.08
C ILE A 325 -7.41 -1.35 -16.92
N SER A 326 -6.87 -0.14 -17.03
CA SER A 326 -7.68 1.07 -16.81
C SER A 326 -7.27 2.22 -17.72
N ASN A 327 -8.10 3.26 -17.77
CA ASN A 327 -7.74 4.49 -18.46
C ASN A 327 -6.49 5.07 -17.83
N LYS A 328 -5.55 5.51 -18.66
CA LYS A 328 -4.37 6.19 -18.16
C LYS A 328 -4.65 7.66 -17.87
N ARG A 329 -5.57 8.24 -18.65
CA ARG A 329 -5.77 9.69 -18.61
C ARG A 329 -7.06 10.12 -17.94
N ARG A 330 -7.03 11.31 -17.35
CA ARG A 330 -8.21 11.96 -16.78
C ARG A 330 -8.44 13.29 -17.50
N LEU A 331 -7.34 13.94 -17.87
CA LEU A 331 -7.41 15.22 -18.55
C LEU A 331 -7.20 15.06 -20.05
N GLY A 332 -7.94 15.85 -20.82
CA GLY A 332 -7.69 15.96 -22.25
C GLY A 332 -8.57 15.07 -23.10
N LEU A 333 -9.58 14.49 -22.48
CA LEU A 333 -10.51 13.60 -23.19
C LEU A 333 -11.90 13.65 -22.57
N THR A 334 -12.90 13.24 -23.33
CA THR A 334 -14.26 13.18 -22.81
C THR A 334 -14.48 11.87 -22.09
N GLU A 335 -15.52 11.83 -21.27
CA GLU A 335 -15.93 10.60 -20.60
C GLU A 335 -16.20 9.53 -21.66
N TYR A 336 -16.91 9.92 -22.71
CA TYR A 336 -17.16 8.99 -23.80
C TYR A 336 -15.86 8.39 -24.36
N GLN A 337 -14.87 9.24 -24.63
CA GLN A 337 -13.60 8.73 -25.14
C GLN A 337 -12.95 7.76 -24.17
N ALA A 338 -13.15 8.03 -22.88
CA ALA A 338 -12.58 7.17 -21.84
C ALA A 338 -13.15 5.76 -21.91
N VAL A 339 -14.48 5.67 -22.01
CA VAL A 339 -15.11 4.36 -21.96
C VAL A 339 -14.91 3.61 -23.28
N ARG A 340 -14.85 4.37 -24.38
CA ARG A 340 -14.65 3.78 -25.70
C ARG A 340 -13.24 3.23 -25.87
N GLU A 341 -12.25 3.94 -25.32
CA GLU A 341 -10.87 3.47 -25.40
C GLU A 341 -10.71 2.16 -24.63
N MET A 342 -11.34 2.06 -23.47
CA MET A 342 -11.35 0.82 -22.71
C MET A 342 -12.05 -0.28 -23.51
N GLN A 343 -13.22 0.05 -24.05
CA GLN A 343 -13.96 -0.91 -24.86
C GLN A 343 -13.11 -1.39 -26.02
N ASP A 344 -12.58 -0.47 -26.82
CA ASP A 344 -11.77 -0.80 -27.98
C ASP A 344 -10.50 -1.56 -27.58
N GLY A 345 -9.83 -1.08 -26.55
CA GLY A 345 -8.57 -1.65 -26.11
C GLY A 345 -8.69 -3.06 -25.56
N ILE A 346 -9.71 -3.28 -24.72
CA ILE A 346 -9.96 -4.63 -24.18
C ILE A 346 -10.37 -5.60 -25.28
N LEU A 347 -11.22 -5.16 -26.20
CA LEU A 347 -11.59 -6.01 -27.34
C LEU A 347 -10.37 -6.40 -28.17
N GLU A 348 -9.48 -5.45 -28.44
CA GLU A 348 -8.26 -5.77 -29.17
C GLU A 348 -7.38 -6.75 -28.39
N MET A 349 -7.26 -6.55 -27.09
CA MET A 349 -6.46 -7.47 -26.27
C MET A 349 -7.01 -8.89 -26.33
N ILE A 350 -8.34 -9.00 -26.24
CA ILE A 350 -9.01 -10.30 -26.32
C ILE A 350 -8.74 -10.96 -27.67
N LYS A 351 -8.83 -10.19 -28.74
CA LYS A 351 -8.55 -10.69 -30.08
C LYS A 351 -7.13 -11.25 -30.19
N MET A 352 -6.15 -10.48 -29.70
CA MET A 352 -4.75 -10.90 -29.76
C MET A 352 -4.49 -12.08 -28.83
N GLU A 353 -5.20 -12.14 -27.71
CA GLU A 353 -5.10 -13.28 -26.79
C GLU A 353 -5.56 -14.57 -27.47
N LYS A 354 -6.71 -14.51 -28.14
CA LYS A 354 -7.22 -15.67 -28.87
C LYS A 354 -6.27 -16.09 -30.00
N ALA A 355 -5.64 -15.11 -30.62
CA ALA A 355 -4.80 -15.37 -31.79
C ALA A 355 -3.40 -15.86 -31.43
N ALA A 356 -3.00 -15.64 -30.18
CA ALA A 356 -1.65 -16.00 -29.74
C ALA A 356 -1.46 -17.51 -29.65
N ALA A 357 -0.21 -17.95 -29.70
CA ALA A 357 0.11 -19.37 -29.63
C ALA A 357 -0.11 -19.92 -28.22
N VAL B 2 -9.39 -26.44 25.17
CA VAL B 2 -9.63 -25.00 25.09
C VAL B 2 -11.03 -24.65 25.60
N ASP B 3 -11.22 -23.37 25.93
CA ASP B 3 -12.47 -22.90 26.51
C ASP B 3 -13.61 -22.96 25.51
N GLN B 4 -14.84 -23.05 26.00
CA GLN B 4 -15.99 -23.10 25.11
C GLN B 4 -16.09 -21.85 24.23
N ALA B 5 -15.80 -20.69 24.79
CA ALA B 5 -15.88 -19.44 24.03
C ALA B 5 -14.94 -19.51 22.83
N THR B 6 -13.78 -20.13 23.04
CA THR B 6 -12.82 -20.29 21.95
C THR B 6 -13.39 -21.17 20.86
N LEU B 7 -14.01 -22.28 21.26
CA LEU B 7 -14.60 -23.22 20.31
C LEU B 7 -15.78 -22.61 19.54
N ASP B 8 -16.61 -21.84 20.23
CA ASP B 8 -17.72 -21.18 19.56
C ASP B 8 -17.21 -20.32 18.40
N LYS B 9 -16.18 -19.52 18.68
CA LYS B 9 -15.58 -18.65 17.68
C LYS B 9 -14.93 -19.46 16.56
N LEU B 10 -14.27 -20.55 16.94
CA LEU B 10 -13.60 -21.40 15.97
C LEU B 10 -14.59 -22.10 15.04
N GLU B 11 -15.65 -22.67 15.61
CA GLU B 11 -16.65 -23.33 14.79
C GLU B 11 -17.33 -22.33 13.87
N ALA B 12 -17.60 -21.13 14.39
CA ALA B 12 -18.22 -20.08 13.60
C ALA B 12 -17.31 -19.65 12.45
N GLY B 13 -16.04 -19.46 12.78
CA GLY B 13 -15.04 -19.03 11.80
C GLY B 13 -14.81 -20.02 10.68
N PHE B 14 -14.75 -21.30 11.03
CA PHE B 14 -14.59 -22.35 10.04
C PHE B 14 -15.77 -22.36 9.07
N LYS B 15 -16.96 -22.09 9.60
CA LYS B 15 -18.16 -22.03 8.77
C LYS B 15 -18.12 -20.82 7.83
N LYS B 16 -17.66 -19.69 8.34
CA LYS B 16 -17.53 -18.48 7.54
C LYS B 16 -16.60 -18.71 6.36
N LEU B 17 -15.46 -19.35 6.61
CA LEU B 17 -14.53 -19.66 5.53
C LEU B 17 -15.20 -20.52 4.46
N GLN B 18 -15.91 -21.56 4.87
CA GLN B 18 -16.57 -22.44 3.91
C GLN B 18 -17.65 -21.73 3.11
N GLU B 19 -18.32 -20.77 3.74
CA GLU B 19 -19.41 -20.06 3.08
C GLU B 19 -18.92 -18.86 2.26
N ALA B 20 -17.63 -18.58 2.35
CA ALA B 20 -17.03 -17.49 1.58
C ALA B 20 -16.59 -17.96 0.19
N SER B 21 -17.53 -17.95 -0.74
CA SER B 21 -17.31 -18.48 -2.09
C SER B 21 -16.10 -17.89 -2.82
N ASP B 22 -15.81 -16.62 -2.60
CA ASP B 22 -14.73 -15.94 -3.31
C ASP B 22 -13.40 -15.97 -2.56
N CYS B 23 -13.41 -16.52 -1.35
CA CYS B 23 -12.19 -16.56 -0.53
C CYS B 23 -11.12 -17.43 -1.17
N LYS B 24 -9.90 -16.89 -1.29
CA LYS B 24 -8.79 -17.61 -1.90
C LYS B 24 -7.58 -17.71 -0.97
N SER B 25 -7.81 -17.53 0.33
CA SER B 25 -6.69 -17.50 1.26
C SER B 25 -6.07 -18.87 1.44
N LEU B 26 -4.79 -18.91 1.80
CA LEU B 26 -4.14 -20.18 2.09
C LEU B 26 -4.80 -20.86 3.29
N LEU B 27 -5.37 -20.04 4.17
CA LEU B 27 -6.08 -20.53 5.34
C LEU B 27 -7.27 -21.41 4.93
N LYS B 28 -8.14 -20.87 4.09
CA LYS B 28 -9.32 -21.62 3.66
C LYS B 28 -8.89 -22.85 2.91
N LYS B 29 -7.83 -22.70 2.12
CA LYS B 29 -7.33 -23.77 1.26
C LYS B 29 -6.82 -24.98 2.06
N HIS B 30 -6.11 -24.72 3.16
CA HIS B 30 -5.43 -25.80 3.87
C HIS B 30 -6.06 -26.20 5.19
N LEU B 31 -6.97 -25.38 5.72
CA LEU B 31 -7.70 -25.75 6.92
C LEU B 31 -8.87 -26.63 6.55
N THR B 32 -8.59 -27.90 6.28
CA THR B 32 -9.63 -28.88 5.98
C THR B 32 -10.42 -29.19 7.25
N LYS B 33 -11.56 -29.86 7.07
CA LYS B 33 -12.36 -30.28 8.22
C LYS B 33 -11.57 -31.18 9.15
N ASP B 34 -10.84 -32.13 8.58
CA ASP B 34 -10.06 -33.07 9.38
C ASP B 34 -8.91 -32.39 10.11
N VAL B 35 -8.21 -31.48 9.43
CA VAL B 35 -7.14 -30.72 10.08
C VAL B 35 -7.70 -29.87 11.22
N PHE B 36 -8.79 -29.17 10.93
CA PHE B 36 -9.48 -28.35 11.93
C PHE B 36 -9.85 -29.17 13.16
N ASP B 37 -10.48 -30.32 12.94
CA ASP B 37 -10.88 -31.16 14.06
C ASP B 37 -9.67 -31.66 14.86
N SER B 38 -8.57 -31.93 14.16
CA SER B 38 -7.38 -32.47 14.82
C SER B 38 -6.58 -31.47 15.68
N ILE B 39 -6.79 -30.18 15.50
CA ILE B 39 -6.02 -29.18 16.27
C ILE B 39 -6.83 -28.11 17.01
N LYS B 40 -8.13 -28.01 16.71
CA LYS B 40 -8.97 -26.98 17.33
C LYS B 40 -9.04 -27.09 18.84
N ASN B 41 -8.76 -28.27 19.37
CA ASN B 41 -8.82 -28.49 20.82
C ASN B 41 -7.46 -28.33 21.50
N LYS B 42 -6.45 -27.96 20.73
CA LYS B 42 -5.10 -27.83 21.27
C LYS B 42 -4.76 -26.41 21.64
N LYS B 43 -3.75 -26.29 22.51
CA LYS B 43 -3.30 -25.00 23.00
C LYS B 43 -1.83 -25.12 23.37
N THR B 44 -1.07 -24.05 23.18
CA THR B 44 0.34 -24.06 23.56
C THR B 44 0.52 -23.81 25.06
N GLY B 45 1.73 -24.02 25.54
CA GLY B 45 2.05 -23.74 26.93
C GLY B 45 1.80 -22.30 27.34
N MET B 46 1.96 -21.37 26.41
CA MET B 46 1.73 -19.96 26.72
C MET B 46 0.26 -19.56 26.62
N GLY B 47 -0.58 -20.51 26.21
CA GLY B 47 -2.02 -20.30 26.22
C GLY B 47 -2.65 -19.99 24.88
N ALA B 48 -1.86 -20.06 23.81
CA ALA B 48 -2.33 -19.74 22.47
C ALA B 48 -3.23 -20.85 21.92
N THR B 49 -4.35 -20.47 21.30
CA THR B 49 -5.25 -21.45 20.71
C THR B 49 -5.28 -21.23 19.20
N LEU B 50 -5.99 -22.10 18.48
CA LEU B 50 -6.12 -21.98 17.04
C LEU B 50 -6.76 -20.66 16.62
N LEU B 51 -7.58 -20.09 17.51
CA LEU B 51 -8.22 -18.82 17.21
C LEU B 51 -7.15 -17.72 17.16
N ASP B 52 -6.09 -17.87 17.95
CA ASP B 52 -5.02 -16.89 18.00
C ASP B 52 -4.10 -17.03 16.78
N VAL B 53 -4.37 -18.07 16.00
CA VAL B 53 -3.65 -18.31 14.76
C VAL B 53 -4.44 -17.81 13.54
N ILE B 54 -5.72 -18.20 13.45
CA ILE B 54 -6.50 -17.97 12.23
C ILE B 54 -7.43 -16.75 12.28
N GLN B 55 -7.57 -16.17 13.47
CA GLN B 55 -8.40 -15.00 13.69
C GLN B 55 -8.48 -14.04 12.49
N SER B 56 -7.32 -13.54 12.08
CA SER B 56 -7.25 -12.51 11.05
C SER B 56 -7.81 -12.96 9.71
N GLY B 57 -7.55 -14.22 9.36
CA GLY B 57 -7.98 -14.76 8.10
C GLY B 57 -9.48 -14.96 8.03
N VAL B 58 -10.09 -15.22 9.19
CA VAL B 58 -11.53 -15.38 9.28
C VAL B 58 -12.22 -14.02 9.13
N GLU B 59 -11.61 -13.00 9.75
CA GLU B 59 -12.18 -11.66 9.77
C GLU B 59 -11.93 -10.91 8.47
N ASN B 60 -10.84 -11.28 7.80
CA ASN B 60 -10.52 -10.72 6.51
C ASN B 60 -10.46 -11.84 5.48
N LEU B 61 -11.61 -12.12 4.87
CA LEU B 61 -11.71 -13.20 3.90
C LEU B 61 -10.83 -12.96 2.68
N ASP B 62 -10.46 -11.71 2.45
CA ASP B 62 -9.63 -11.36 1.29
C ASP B 62 -8.14 -11.47 1.60
N SER B 63 -7.80 -12.11 2.71
CA SER B 63 -6.39 -12.29 3.08
C SER B 63 -5.71 -13.24 2.10
N GLY B 64 -4.44 -13.00 1.82
CA GLY B 64 -3.68 -13.90 0.97
C GLY B 64 -3.34 -15.17 1.72
N VAL B 65 -2.74 -15.00 2.90
CA VAL B 65 -2.35 -16.13 3.71
C VAL B 65 -3.42 -16.37 4.77
N GLY B 66 -3.53 -15.44 5.72
CA GLY B 66 -4.64 -15.47 6.65
C GLY B 66 -4.35 -16.06 8.01
N ILE B 67 -3.11 -16.44 8.27
CA ILE B 67 -2.73 -16.88 9.61
C ILE B 67 -1.48 -16.18 10.13
N TYR B 68 -1.34 -16.15 11.44
CA TYR B 68 -0.13 -15.64 12.09
C TYR B 68 0.23 -16.57 13.24
N ALA B 69 1.47 -16.47 13.70
CA ALA B 69 1.91 -17.26 14.86
C ALA B 69 1.77 -16.44 16.14
N PRO B 70 1.02 -16.96 17.12
CA PRO B 70 0.82 -16.28 18.40
C PRO B 70 1.98 -16.51 19.36
N ASP B 71 2.79 -17.51 19.09
CA ASP B 71 4.02 -17.75 19.83
C ASP B 71 4.88 -18.78 19.12
N ALA B 72 6.06 -19.06 19.67
CA ALA B 72 6.99 -19.96 19.02
C ALA B 72 6.45 -21.40 18.95
N GLU B 73 5.78 -21.84 20.01
CA GLU B 73 5.31 -23.21 20.07
C GLU B 73 4.19 -23.50 19.07
N SER B 74 3.49 -22.45 18.66
CA SER B 74 2.36 -22.59 17.74
C SER B 74 2.75 -23.31 16.45
N TYR B 75 3.99 -23.12 16.02
CA TYR B 75 4.47 -23.77 14.79
C TYR B 75 4.38 -25.30 14.90
N ARG B 76 4.51 -25.80 16.13
CA ARG B 76 4.45 -27.23 16.36
C ARG B 76 3.04 -27.64 16.71
N THR B 77 2.48 -27.01 17.75
CA THR B 77 1.13 -27.33 18.22
C THR B 77 0.12 -27.33 17.08
N PHE B 78 0.22 -26.34 16.21
CA PHE B 78 -0.71 -26.21 15.10
C PHE B 78 -0.01 -26.51 13.77
N GLY B 79 1.03 -27.34 13.85
CA GLY B 79 1.77 -27.76 12.68
C GLY B 79 0.94 -28.32 11.54
N PRO B 80 -0.12 -29.09 11.87
CA PRO B 80 -0.96 -29.59 10.77
C PRO B 80 -1.51 -28.49 9.87
N LEU B 81 -1.64 -27.27 10.40
CA LEU B 81 -2.05 -26.14 9.57
C LEU B 81 -0.83 -25.38 9.07
N PHE B 82 0.13 -25.13 9.95
CA PHE B 82 1.31 -24.36 9.54
C PHE B 82 2.11 -25.05 8.43
N ASP B 83 2.32 -26.35 8.55
CA ASP B 83 3.11 -27.12 7.58
C ASP B 83 2.70 -26.91 6.11
N PRO B 84 1.43 -27.19 5.76
CA PRO B 84 1.07 -27.05 4.35
C PRO B 84 0.99 -25.59 3.89
N ILE B 85 0.62 -24.69 4.78
CA ILE B 85 0.62 -23.27 4.42
C ILE B 85 2.03 -22.75 4.15
N ILE B 86 3.01 -23.24 4.91
CA ILE B 86 4.39 -22.84 4.72
C ILE B 86 4.92 -23.40 3.41
N ASP B 87 4.62 -24.67 3.15
CA ASP B 87 4.99 -25.31 1.90
C ASP B 87 4.46 -24.52 0.69
N ASP B 88 3.19 -24.14 0.79
CA ASP B 88 2.51 -23.43 -0.29
C ASP B 88 3.11 -22.05 -0.54
N TYR B 89 3.17 -21.24 0.52
CA TYR B 89 3.61 -19.87 0.37
C TYR B 89 5.07 -19.75 -0.06
N HIS B 90 5.93 -20.64 0.45
CA HIS B 90 7.36 -20.55 0.17
C HIS B 90 7.73 -21.27 -1.12
N GLY B 91 6.72 -21.71 -1.86
CA GLY B 91 6.93 -22.29 -3.18
C GLY B 91 7.64 -23.63 -3.17
N GLY B 92 7.33 -24.44 -2.16
CA GLY B 92 7.92 -25.76 -2.06
C GLY B 92 8.83 -25.90 -0.84
N PHE B 93 8.23 -26.16 0.30
CA PHE B 93 8.96 -26.54 1.50
C PHE B 93 8.22 -27.70 2.13
N LYS B 94 8.60 -28.91 1.73
CA LYS B 94 7.88 -30.11 2.08
C LYS B 94 7.96 -30.42 3.57
N LEU B 95 7.08 -31.31 4.00
CA LEU B 95 7.06 -31.77 5.39
C LEU B 95 8.44 -32.22 5.81
N THR B 96 9.16 -32.86 4.90
CA THR B 96 10.46 -33.43 5.25
C THR B 96 11.63 -32.49 4.99
N ASP B 97 11.35 -31.33 4.39
CA ASP B 97 12.40 -30.32 4.19
C ASP B 97 12.83 -29.71 5.52
N LYS B 98 14.13 -29.43 5.65
CA LYS B 98 14.66 -28.83 6.87
C LYS B 98 15.54 -27.64 6.56
N HIS B 99 15.31 -26.53 7.26
CA HIS B 99 16.12 -25.33 7.09
C HIS B 99 17.46 -25.49 7.81
N PRO B 100 18.56 -25.06 7.16
CA PRO B 100 19.90 -25.29 7.73
C PRO B 100 20.18 -24.39 8.92
N PRO B 101 21.07 -24.84 9.82
CA PRO B 101 21.50 -24.03 10.97
C PRO B 101 22.00 -22.68 10.49
N LYS B 102 21.95 -21.67 11.36
CA LYS B 102 22.42 -20.34 11.00
C LYS B 102 23.89 -20.38 10.60
N GLN B 103 24.24 -19.63 9.56
CA GLN B 103 25.63 -19.54 9.14
C GLN B 103 25.86 -18.21 8.42
N TRP B 104 26.55 -17.29 9.10
CA TRP B 104 26.87 -15.99 8.53
C TRP B 104 27.82 -16.13 7.35
N GLY B 105 28.79 -17.03 7.49
CA GLY B 105 29.74 -17.32 6.42
C GLY B 105 31.01 -16.48 6.51
N ASP B 106 31.92 -16.71 5.58
CA ASP B 106 33.18 -15.98 5.52
C ASP B 106 32.99 -14.64 4.83
N ILE B 107 32.85 -13.58 5.62
CA ILE B 107 32.54 -12.26 5.11
C ILE B 107 33.65 -11.68 4.23
N ASN B 108 34.86 -12.20 4.39
CA ASN B 108 35.99 -11.71 3.59
C ASN B 108 35.97 -12.23 2.16
N THR B 109 35.07 -13.18 1.89
CA THR B 109 34.88 -13.68 0.53
C THR B 109 33.91 -12.80 -0.23
N LEU B 110 33.36 -11.80 0.44
CA LEU B 110 32.40 -10.89 -0.19
C LEU B 110 33.11 -9.64 -0.67
N VAL B 111 32.50 -8.94 -1.63
CA VAL B 111 33.11 -7.74 -2.19
C VAL B 111 32.13 -6.59 -2.24
N GLY B 112 32.64 -5.37 -2.23
CA GLY B 112 31.81 -4.19 -2.41
C GLY B 112 31.40 -4.14 -3.86
N LEU B 113 30.15 -3.76 -4.12
CA LEU B 113 29.64 -3.70 -5.48
C LEU B 113 29.67 -2.28 -6.02
N ASP B 114 30.07 -2.15 -7.28
CA ASP B 114 29.90 -0.90 -8.01
C ASP B 114 30.24 0.35 -7.19
N PRO B 115 31.47 0.43 -6.67
N PRO B 115 31.48 0.43 -6.68
CA PRO B 115 31.87 1.63 -5.94
CA PRO B 115 31.95 1.62 -5.96
C PRO B 115 31.79 2.90 -6.80
C PRO B 115 31.76 2.88 -6.81
N ALA B 116 31.97 2.76 -8.11
CA ALA B 116 31.86 3.89 -9.02
C ALA B 116 30.46 4.53 -9.02
N GLY B 117 29.47 3.75 -8.62
CA GLY B 117 28.11 4.27 -8.47
C GLY B 117 27.37 4.45 -9.79
N GLN B 118 27.71 3.63 -10.77
CA GLN B 118 27.07 3.74 -12.07
C GLN B 118 25.67 3.08 -12.06
N PHE B 119 25.49 2.08 -11.22
CA PHE B 119 24.24 1.31 -11.21
C PHE B 119 23.49 1.32 -9.87
N ILE B 120 24.20 1.00 -8.80
CA ILE B 120 23.57 0.87 -7.49
C ILE B 120 23.36 2.20 -6.77
N ILE B 121 22.12 2.42 -6.33
CA ILE B 121 21.78 3.64 -5.60
C ILE B 121 21.95 3.43 -4.10
N SER B 122 21.48 2.28 -3.60
CA SER B 122 21.55 1.99 -2.18
C SER B 122 21.46 0.49 -1.90
N THR B 123 21.83 0.11 -0.68
CA THR B 123 21.87 -1.28 -0.28
C THR B 123 21.33 -1.43 1.13
N ARG B 124 20.60 -2.51 1.39
CA ARG B 124 20.16 -2.80 2.74
C ARG B 124 20.03 -4.30 2.99
N VAL B 125 20.24 -4.69 4.24
CA VAL B 125 19.99 -6.06 4.67
C VAL B 125 19.16 -6.04 5.95
N ARG B 126 18.03 -6.73 5.91
CA ARG B 126 17.10 -6.75 7.03
C ARG B 126 16.97 -8.17 7.54
N CYS B 127 16.77 -8.32 8.85
CA CYS B 127 16.37 -9.61 9.38
C CYS B 127 15.44 -9.40 10.56
N GLY B 128 14.86 -10.48 11.05
CA GLY B 128 13.95 -10.39 12.16
C GLY B 128 14.28 -11.45 13.19
N ARG B 129 13.91 -11.19 14.44
CA ARG B 129 14.13 -12.15 15.52
C ARG B 129 13.02 -12.10 16.54
N SER B 130 12.67 -13.27 17.06
CA SER B 130 11.78 -13.36 18.20
C SER B 130 12.60 -13.73 19.43
N LEU B 131 12.20 -13.22 20.59
CA LEU B 131 12.94 -13.46 21.83
C LEU B 131 12.33 -14.61 22.63
N GLN B 132 13.16 -15.54 23.08
CA GLN B 132 12.69 -16.61 23.94
C GLN B 132 12.08 -16.03 25.20
N GLY B 133 11.05 -16.69 25.72
CA GLY B 133 10.43 -16.27 26.96
C GLY B 133 9.26 -15.34 26.76
N TYR B 134 9.02 -14.95 25.50
CA TYR B 134 7.87 -14.11 25.19
C TYR B 134 6.99 -14.73 24.11
N PRO B 135 5.66 -14.58 24.23
CA PRO B 135 4.80 -14.94 23.11
C PRO B 135 4.92 -13.86 22.04
N PHE B 136 4.25 -14.05 20.92
CA PHE B 136 4.30 -13.08 19.84
C PHE B 136 3.15 -12.10 20.00
N ASN B 137 3.08 -11.11 19.09
CA ASN B 137 2.06 -10.06 19.15
C ASN B 137 0.65 -10.43 19.60
N PRO B 138 0.07 -11.50 19.03
CA PRO B 138 -1.32 -11.81 19.37
C PRO B 138 -1.55 -12.16 20.83
N CYS B 139 -0.48 -12.49 21.55
CA CYS B 139 -0.63 -12.93 22.93
C CYS B 139 0.15 -12.14 23.97
N LEU B 140 0.87 -11.10 23.54
CA LEU B 140 1.60 -10.26 24.47
C LEU B 140 0.66 -9.37 25.30
N THR B 141 0.89 -9.34 26.61
CA THR B 141 0.17 -8.44 27.50
C THR B 141 0.85 -7.09 27.52
N ALA B 142 0.19 -6.08 28.08
CA ALA B 142 0.81 -4.77 28.23
C ALA B 142 2.07 -4.85 29.09
N GLU B 143 2.03 -5.66 30.14
CA GLU B 143 3.17 -5.78 31.04
C GLU B 143 4.37 -6.44 30.35
N GLN B 144 4.10 -7.42 29.49
CA GLN B 144 5.16 -8.09 28.74
C GLN B 144 5.78 -7.15 27.70
N TYR B 145 4.95 -6.34 27.06
CA TYR B 145 5.44 -5.35 26.12
C TYR B 145 6.41 -4.43 26.84
N LYS B 146 5.94 -3.83 27.93
CA LYS B 146 6.77 -2.90 28.71
C LYS B 146 8.07 -3.54 29.19
N GLU B 147 7.96 -4.75 29.76
CA GLU B 147 9.14 -5.43 30.27
C GLU B 147 10.14 -5.79 29.16
N MET B 148 9.64 -6.31 28.05
CA MET B 148 10.51 -6.67 26.93
C MET B 148 11.28 -5.45 26.43
N GLU B 149 10.59 -4.32 26.30
CA GLU B 149 11.21 -3.07 25.87
C GLU B 149 12.38 -2.65 26.76
N GLU B 150 12.21 -2.82 28.06
CA GLU B 150 13.28 -2.51 29.01
C GLU B 150 14.50 -3.36 28.69
N LYS B 151 14.27 -4.64 28.43
CA LYS B 151 15.35 -5.57 28.12
C LYS B 151 16.02 -5.23 26.79
N VAL B 152 15.21 -4.88 25.79
CA VAL B 152 15.73 -4.52 24.48
C VAL B 152 16.42 -3.15 24.49
N SER B 153 15.75 -2.14 25.04
CA SER B 153 16.29 -0.78 25.10
C SER B 153 17.64 -0.75 25.80
N SER B 154 17.76 -1.45 26.91
CA SER B 154 19.03 -1.52 27.62
C SER B 154 20.07 -2.23 26.76
N THR B 155 19.67 -3.26 26.04
CA THR B 155 20.59 -3.98 25.17
C THR B 155 21.12 -3.09 24.05
N LEU B 156 20.22 -2.36 23.39
CA LEU B 156 20.61 -1.53 22.25
C LEU B 156 21.39 -0.29 22.68
N SER B 157 21.02 0.29 23.80
CA SER B 157 21.70 1.49 24.30
C SER B 157 23.12 1.17 24.77
N SER B 158 23.40 -0.12 24.94
CA SER B 158 24.73 -0.57 25.35
C SER B 158 25.70 -0.72 24.18
N MET B 159 25.18 -0.86 22.97
CA MET B 159 26.02 -1.03 21.79
C MET B 159 27.02 0.12 21.64
N GLU B 160 28.22 -0.21 21.20
CA GLU B 160 29.30 0.78 21.13
C GLU B 160 29.79 1.06 19.72
N ASP B 161 30.69 2.04 19.62
CA ASP B 161 31.37 2.36 18.38
C ASP B 161 30.41 2.70 17.24
N GLU B 162 30.54 1.99 16.12
CA GLU B 162 29.74 2.29 14.94
C GLU B 162 28.27 2.09 15.23
N LEU B 163 27.97 1.15 16.12
CA LEU B 163 26.59 0.78 16.40
C LEU B 163 25.97 1.64 17.49
N LYS B 164 26.76 2.57 18.04
CA LYS B 164 26.25 3.41 19.10
C LYS B 164 25.12 4.31 18.61
N GLY B 165 24.05 4.41 19.39
CA GLY B 165 22.90 5.20 18.99
C GLY B 165 21.92 5.55 20.09
N THR B 166 20.72 5.96 19.68
CA THR B 166 19.67 6.38 20.59
C THR B 166 18.40 5.56 20.38
N TYR B 167 17.75 5.19 21.48
CA TYR B 167 16.46 4.49 21.43
C TYR B 167 15.34 5.48 21.68
N TYR B 168 14.34 5.46 20.80
CA TYR B 168 13.17 6.32 20.92
C TYR B 168 11.92 5.48 21.16
N PRO B 169 11.38 5.50 22.39
CA PRO B 169 10.14 4.79 22.66
C PRO B 169 8.98 5.52 22.00
N LEU B 170 8.02 4.77 21.45
CA LEU B 170 6.83 5.39 20.91
C LEU B 170 6.00 6.00 22.03
N THR B 171 6.06 5.40 23.21
CA THR B 171 5.36 5.93 24.38
C THR B 171 5.93 7.29 24.76
N GLY B 172 5.11 8.33 24.63
CA GLY B 172 5.49 9.67 25.03
C GLY B 172 6.34 10.41 24.01
N MET B 173 6.38 9.91 22.78
CA MET B 173 7.17 10.54 21.74
C MET B 173 6.62 11.92 21.37
N SER B 174 7.49 12.91 21.31
CA SER B 174 7.09 14.27 20.98
C SER B 174 6.74 14.37 19.49
N LYS B 175 5.96 15.38 19.14
CA LYS B 175 5.65 15.65 17.74
C LYS B 175 6.92 15.91 16.93
N ALA B 176 7.87 16.62 17.54
CA ALA B 176 9.11 16.95 16.85
C ALA B 176 9.92 15.68 16.55
N THR B 177 9.92 14.74 17.49
CA THR B 177 10.64 13.49 17.31
C THR B 177 9.96 12.62 16.25
N GLN B 178 8.64 12.64 16.22
CA GLN B 178 7.89 11.94 15.19
C GLN B 178 8.23 12.51 13.82
N GLN B 179 8.20 13.83 13.71
CA GLN B 179 8.51 14.48 12.44
C GLN B 179 9.93 14.20 11.98
N GLN B 180 10.86 14.17 12.91
CA GLN B 180 12.24 13.86 12.55
C GLN B 180 12.37 12.45 12.01
N LEU B 181 11.77 11.48 12.70
CA LEU B 181 11.84 10.09 12.28
C LEU B 181 11.09 9.88 10.96
N ILE B 182 10.01 10.62 10.77
CA ILE B 182 9.30 10.57 9.49
C ILE B 182 10.21 11.08 8.37
N ASP B 183 10.88 12.22 8.61
CA ASP B 183 11.84 12.73 7.64
C ASP B 183 12.88 11.67 7.30
N ASP B 184 13.32 10.91 8.30
CA ASP B 184 14.29 9.84 8.10
C ASP B 184 13.71 8.57 7.50
N HIS B 185 12.38 8.48 7.46
CA HIS B 185 11.70 7.26 7.03
C HIS B 185 11.98 6.12 7.99
N PHE B 186 12.10 6.45 9.28
CA PHE B 186 12.41 5.47 10.33
C PHE B 186 11.20 5.17 11.20
N LEU B 187 10.12 5.91 11.02
CA LEU B 187 8.94 5.74 11.88
C LEU B 187 8.03 4.59 11.46
N PHE B 188 7.43 3.92 12.44
CA PHE B 188 6.30 3.04 12.17
C PHE B 188 5.14 3.41 13.08
N LYS B 189 3.96 2.93 12.75
CA LYS B 189 2.78 3.13 13.58
C LYS B 189 1.91 1.88 13.50
N GLU B 190 0.66 1.98 13.97
CA GLU B 190 -0.23 0.83 14.04
C GLU B 190 -0.50 0.20 12.68
N GLY B 191 -0.67 -1.12 12.66
CA GLY B 191 -0.87 -1.86 11.43
C GLY B 191 -2.28 -1.74 10.88
N ASP B 192 -2.48 -2.28 9.68
CA ASP B 192 -3.80 -2.26 9.05
C ASP B 192 -4.75 -3.29 9.67
N ARG B 193 -5.90 -3.49 9.03
CA ARG B 193 -6.94 -4.37 9.55
C ARG B 193 -6.46 -5.81 9.76
N PHE B 194 -5.58 -6.28 8.88
CA PHE B 194 -5.10 -7.65 9.00
C PHE B 194 -4.36 -7.87 10.31
N LEU B 195 -3.56 -6.88 10.71
CA LEU B 195 -2.78 -6.95 11.94
C LEU B 195 -3.66 -6.64 13.15
N GLN B 196 -4.52 -5.64 13.03
CA GLN B 196 -5.45 -5.29 14.09
C GLN B 196 -6.27 -6.50 14.52
N THR B 197 -6.97 -7.11 13.57
CA THR B 197 -7.82 -8.26 13.86
C THR B 197 -7.03 -9.50 14.30
N ALA B 198 -5.72 -9.45 14.14
CA ALA B 198 -4.85 -10.55 14.61
C ALA B 198 -4.44 -10.30 16.06
N ASN B 199 -5.03 -9.28 16.67
CA ASN B 199 -4.63 -8.85 18.01
C ASN B 199 -3.15 -8.48 18.07
N ALA B 200 -2.61 -8.00 16.94
CA ALA B 200 -1.18 -7.71 16.84
C ALA B 200 -0.81 -6.27 17.20
N CYS B 201 -1.81 -5.43 17.43
CA CYS B 201 -1.55 -4.02 17.73
C CYS B 201 -2.20 -3.55 19.04
N ARG B 202 -2.30 -4.46 20.01
CA ARG B 202 -2.93 -4.11 21.29
C ARG B 202 -2.00 -3.33 22.22
N TYR B 203 -2.61 -2.53 23.10
CA TYR B 203 -1.89 -1.78 24.13
C TYR B 203 -0.88 -0.82 23.50
N TRP B 204 -1.19 -0.36 22.29
CA TRP B 204 -0.34 0.57 21.57
C TRP B 204 -0.24 1.89 22.32
N PRO B 205 0.96 2.48 22.38
CA PRO B 205 2.20 2.02 21.78
C PRO B 205 3.15 1.36 22.79
N THR B 206 2.59 0.83 23.87
CA THR B 206 3.40 0.20 24.92
C THR B 206 4.36 -0.83 24.33
N GLY B 207 5.63 -0.73 24.69
CA GLY B 207 6.62 -1.69 24.24
C GLY B 207 7.14 -1.45 22.83
N ARG B 208 6.55 -0.51 22.10
CA ARG B 208 6.98 -0.19 20.74
C ARG B 208 8.05 0.90 20.70
N GLY B 209 9.08 0.71 19.89
CA GLY B 209 10.18 1.65 19.88
C GLY B 209 11.07 1.56 18.66
N ILE B 210 11.88 2.59 18.47
CA ILE B 210 12.78 2.70 17.33
C ILE B 210 14.17 3.02 17.80
N PHE B 211 15.16 2.25 17.35
CA PHE B 211 16.55 2.54 17.64
C PHE B 211 17.34 2.75 16.35
N HIS B 212 18.20 3.76 16.32
CA HIS B 212 19.14 3.87 15.20
C HIS B 212 20.49 4.40 15.66
N ASN B 213 21.56 3.97 15.00
CA ASN B 213 22.88 4.48 15.34
C ASN B 213 23.03 5.90 14.83
N ASP B 214 24.03 6.60 15.35
CA ASP B 214 24.24 8.00 14.97
C ASP B 214 24.46 8.16 13.47
N ALA B 215 25.12 7.20 12.84
CA ALA B 215 25.41 7.25 11.40
C ALA B 215 24.18 7.02 10.54
N LYS B 216 23.09 6.57 11.17
CA LYS B 216 21.87 6.25 10.44
C LYS B 216 22.11 5.16 9.39
N THR B 217 23.00 4.23 9.72
CA THR B 217 23.26 3.07 8.88
C THR B 217 22.77 1.78 9.55
N PHE B 218 22.05 1.93 10.66
CA PHE B 218 21.55 0.78 11.42
C PHE B 218 20.25 1.19 12.09
N LEU B 219 19.25 0.34 11.96
CA LEU B 219 17.91 0.67 12.42
C LEU B 219 17.24 -0.56 13.02
N VAL B 220 16.64 -0.40 14.20
CA VAL B 220 15.87 -1.48 14.81
C VAL B 220 14.47 -1.01 15.16
N TRP B 221 13.48 -1.76 14.72
CA TRP B 221 12.11 -1.57 15.15
C TRP B 221 11.80 -2.59 16.23
N VAL B 222 11.27 -2.13 17.36
CA VAL B 222 10.94 -3.02 18.46
C VAL B 222 9.44 -3.22 18.56
N ASN B 223 9.01 -4.48 18.47
CA ASN B 223 7.61 -4.85 18.57
C ASN B 223 6.71 -4.20 17.53
N GLU B 224 7.19 -4.09 16.30
CA GLU B 224 6.32 -3.75 15.19
C GLU B 224 5.63 -5.05 14.78
N GLU B 225 6.18 -5.71 13.76
CA GLU B 225 5.67 -7.01 13.34
C GLU B 225 6.27 -8.15 14.19
N ASP B 226 7.57 -8.08 14.45
CA ASP B 226 8.24 -9.05 15.31
C ASP B 226 8.81 -8.34 16.54
N HIS B 227 9.30 -9.13 17.50
CA HIS B 227 9.96 -8.53 18.66
C HIS B 227 11.05 -7.57 18.17
N LEU B 228 11.86 -8.03 17.23
CA LEU B 228 12.90 -7.21 16.62
C LEU B 228 12.91 -7.27 15.10
N ARG B 229 12.94 -6.11 14.48
CA ARG B 229 13.25 -6.02 13.05
C ARG B 229 14.57 -5.24 12.98
N ILE B 230 15.60 -5.89 12.45
CA ILE B 230 16.97 -5.38 12.51
C ILE B 230 17.49 -5.09 11.11
N ILE B 231 17.92 -3.85 10.87
CA ILE B 231 18.23 -3.42 9.51
C ILE B 231 19.58 -2.70 9.43
N SER B 232 20.38 -3.06 8.44
CA SER B 232 21.61 -2.35 8.13
C SER B 232 21.50 -1.78 6.72
N MET B 233 21.92 -0.52 6.54
CA MET B 233 21.75 0.10 5.24
C MET B 233 22.70 1.27 5.03
N GLN B 234 22.90 1.61 3.76
CA GLN B 234 23.65 2.81 3.40
C GLN B 234 23.50 3.06 1.90
N LYS B 235 23.86 4.26 1.47
CA LYS B 235 23.87 4.55 0.04
C LYS B 235 25.07 3.87 -0.61
N GLY B 236 24.97 3.60 -1.90
CA GLY B 236 26.02 2.88 -2.59
C GLY B 236 25.81 1.38 -2.53
N GLY B 237 26.77 0.63 -3.07
CA GLY B 237 26.61 -0.81 -3.21
C GLY B 237 27.57 -1.64 -2.39
N ASP B 238 28.03 -1.13 -1.25
CA ASP B 238 28.92 -1.91 -0.39
C ASP B 238 28.13 -2.92 0.45
N LEU B 239 27.75 -4.01 -0.19
CA LEU B 239 26.97 -5.06 0.44
C LEU B 239 27.77 -5.73 1.55
N LYS B 240 29.05 -5.89 1.34
CA LYS B 240 29.92 -6.54 2.32
C LYS B 240 29.91 -5.76 3.64
N THR B 241 30.07 -4.45 3.55
CA THR B 241 30.08 -3.60 4.73
C THR B 241 28.72 -3.60 5.40
N VAL B 242 27.66 -3.54 4.61
CA VAL B 242 26.30 -3.55 5.15
C VAL B 242 25.99 -4.86 5.89
N TYR B 243 26.42 -5.97 5.31
CA TYR B 243 26.21 -7.31 5.88
C TYR B 243 27.03 -7.50 7.14
N LYS B 244 28.31 -7.13 7.10
CA LYS B 244 29.18 -7.29 8.27
C LYS B 244 28.61 -6.51 9.45
N ARG B 245 28.16 -5.30 9.19
CA ARG B 245 27.59 -4.46 10.23
C ARG B 245 26.40 -5.17 10.87
N LEU B 246 25.51 -5.70 10.03
CA LEU B 246 24.33 -6.44 10.52
C LEU B 246 24.75 -7.62 11.40
N VAL B 247 25.71 -8.40 10.92
CA VAL B 247 26.16 -9.58 11.65
C VAL B 247 26.65 -9.18 13.04
N THR B 248 27.46 -8.12 13.08
CA THR B 248 27.97 -7.59 14.34
C THR B 248 26.84 -7.22 15.28
N ALA B 249 25.85 -6.50 14.75
CA ALA B 249 24.74 -6.03 15.57
C ALA B 249 23.93 -7.19 16.16
N VAL B 250 23.62 -8.17 15.32
CA VAL B 250 22.79 -9.30 15.74
C VAL B 250 23.54 -10.17 16.76
N ASP B 251 24.79 -10.50 16.47
CA ASP B 251 25.61 -11.25 17.42
C ASP B 251 25.63 -10.55 18.77
N ASN B 252 25.80 -9.23 18.75
CA ASN B 252 25.78 -8.44 19.97
C ASN B 252 24.45 -8.58 20.70
N ILE B 253 23.35 -8.35 19.99
N ILE B 253 23.35 -8.36 19.99
CA ILE B 253 22.01 -8.48 20.55
CA ILE B 253 22.02 -8.47 20.56
C ILE B 253 21.83 -9.85 21.18
C ILE B 253 21.78 -9.85 21.16
N GLU B 254 22.17 -10.89 20.42
CA GLU B 254 21.97 -12.26 20.86
C GLU B 254 22.74 -12.56 22.14
N SER B 255 23.83 -11.86 22.38
CA SER B 255 24.64 -12.14 23.56
C SER B 255 23.89 -11.74 24.83
N LYS B 256 22.90 -10.87 24.68
CA LYS B 256 22.09 -10.42 25.81
C LYS B 256 20.67 -11.00 25.79
N LEU B 257 20.17 -11.31 24.59
CA LEU B 257 18.78 -11.74 24.42
C LEU B 257 18.69 -13.01 23.58
N PRO B 258 18.40 -14.15 24.21
CA PRO B 258 18.25 -15.41 23.48
C PRO B 258 17.11 -15.38 22.44
N PHE B 259 17.38 -15.92 21.26
CA PHE B 259 16.41 -15.91 20.15
C PHE B 259 15.66 -17.24 20.05
N SER B 260 14.43 -17.19 19.57
CA SER B 260 13.70 -18.42 19.27
C SER B 260 14.13 -18.97 17.93
N HIS B 261 14.57 -20.23 17.93
CA HIS B 261 15.03 -20.88 16.71
C HIS B 261 14.46 -22.29 16.64
N ASP B 262 14.15 -22.73 15.43
CA ASP B 262 13.53 -24.05 15.21
C ASP B 262 14.41 -24.86 14.27
N ASP B 263 14.53 -26.16 14.53
CA ASP B 263 15.37 -27.04 13.73
C ASP B 263 14.88 -27.16 12.29
N ARG B 264 13.57 -27.04 12.09
CA ARG B 264 13.00 -27.19 10.76
C ARG B 264 12.70 -25.85 10.07
N PHE B 265 12.28 -24.86 10.86
CA PHE B 265 11.81 -23.60 10.27
C PHE B 265 12.80 -22.44 10.43
N GLY B 266 13.94 -22.69 11.07
CA GLY B 266 14.90 -21.62 11.31
C GLY B 266 14.43 -20.64 12.37
N PHE B 267 14.64 -19.35 12.13
CA PHE B 267 14.20 -18.35 13.11
C PHE B 267 12.70 -18.10 13.04
N LEU B 268 12.02 -18.37 14.16
CA LEU B 268 10.56 -18.29 14.22
C LEU B 268 10.07 -16.87 14.34
N THR B 269 9.01 -16.54 13.60
CA THR B 269 8.53 -15.17 13.51
C THR B 269 7.01 -15.10 13.58
N PHE B 270 6.51 -13.88 13.76
CA PHE B 270 5.09 -13.59 13.83
C PHE B 270 4.37 -14.00 12.54
N CYS B 271 4.97 -13.71 11.40
CA CYS B 271 4.37 -14.10 10.14
C CYS B 271 5.10 -15.31 9.56
N PRO B 272 4.34 -16.36 9.19
CA PRO B 272 4.91 -17.60 8.66
C PRO B 272 5.45 -17.40 7.24
N THR B 273 5.24 -16.22 6.68
CA THR B 273 5.78 -15.89 5.37
C THR B 273 7.24 -15.43 5.49
N ASN B 274 7.70 -15.28 6.73
CA ASN B 274 9.08 -14.88 6.98
C ASN B 274 9.94 -16.13 7.21
N LEU B 275 10.20 -16.45 8.48
CA LEU B 275 10.91 -17.67 8.83
C LEU B 275 12.28 -17.84 8.17
N GLY B 276 12.91 -18.98 8.45
CA GLY B 276 14.22 -19.30 7.90
C GLY B 276 15.31 -18.34 8.35
N THR B 277 15.99 -17.74 7.38
CA THR B 277 16.98 -16.71 7.68
C THR B 277 16.29 -15.42 8.13
N THR B 278 15.01 -15.29 7.80
CA THR B 278 14.27 -14.03 7.97
C THR B 278 14.93 -12.86 7.23
N MET B 279 15.85 -13.17 6.34
CA MET B 279 16.76 -12.17 5.78
C MET B 279 16.36 -11.72 4.39
N ARG B 280 16.34 -10.41 4.20
CA ARG B 280 16.12 -9.84 2.88
C ARG B 280 17.25 -8.87 2.61
N ALA B 281 18.18 -9.29 1.75
CA ALA B 281 19.22 -8.40 1.25
C ALA B 281 18.66 -7.80 -0.03
N SER B 282 18.81 -6.50 -0.18
CA SER B 282 18.28 -5.82 -1.36
C SER B 282 19.18 -4.69 -1.80
N VAL B 283 19.08 -4.38 -3.09
CA VAL B 283 19.73 -3.20 -3.65
C VAL B 283 18.70 -2.47 -4.50
N HIS B 284 18.79 -1.16 -4.46
CA HIS B 284 18.00 -0.28 -5.31
C HIS B 284 18.98 0.04 -6.43
N ILE B 285 18.63 -0.32 -7.66
CA ILE B 285 19.60 -0.33 -8.75
C ILE B 285 19.00 0.12 -10.08
N GLN B 286 19.79 0.86 -10.85
CA GLN B 286 19.36 1.37 -12.15
C GLN B 286 19.90 0.48 -13.26
N LEU B 287 19.00 -0.19 -13.97
CA LEU B 287 19.38 -1.06 -15.08
C LEU B 287 18.56 -0.69 -16.32
N PRO B 288 18.76 0.53 -16.82
CA PRO B 288 17.96 1.14 -17.89
C PRO B 288 17.87 0.28 -19.14
N LYS B 289 18.96 -0.36 -19.54
CA LYS B 289 18.98 -1.17 -20.75
C LYS B 289 18.27 -2.52 -20.60
N LEU B 290 18.41 -3.15 -19.43
CA LEU B 290 17.73 -4.42 -19.19
C LEU B 290 16.22 -4.22 -19.00
N ALA B 291 15.83 -2.99 -18.67
CA ALA B 291 14.41 -2.66 -18.55
C ALA B 291 13.71 -2.77 -19.90
N LYS B 292 14.48 -2.64 -20.98
CA LYS B 292 13.92 -2.76 -22.33
C LYS B 292 13.46 -4.18 -22.63
N ASP B 293 13.84 -5.11 -21.76
CA ASP B 293 13.37 -6.49 -21.87
C ASP B 293 13.25 -7.13 -20.49
N ARG B 294 12.23 -6.72 -19.75
CA ARG B 294 11.97 -7.24 -18.42
C ARG B 294 12.09 -8.77 -18.37
N LYS B 295 11.66 -9.42 -19.45
CA LYS B 295 11.73 -10.87 -19.54
C LYS B 295 13.13 -11.39 -19.21
N VAL B 296 14.14 -10.82 -19.85
CA VAL B 296 15.53 -11.25 -19.68
C VAL B 296 16.05 -10.98 -18.27
N LEU B 297 15.76 -9.78 -17.75
CA LEU B 297 16.15 -9.44 -16.39
C LEU B 297 15.55 -10.46 -15.43
N GLU B 298 14.29 -10.81 -15.65
N GLU B 298 14.28 -10.81 -15.65
CA GLU B 298 13.60 -11.78 -14.80
CA GLU B 298 13.58 -11.78 -14.82
C GLU B 298 14.30 -13.13 -14.79
C GLU B 298 14.31 -13.12 -14.79
N ASP B 299 14.76 -13.58 -15.95
CA ASP B 299 15.44 -14.87 -16.04
C ASP B 299 16.80 -14.85 -15.35
N ILE B 300 17.49 -13.72 -15.45
CA ILE B 300 18.77 -13.58 -14.76
C ILE B 300 18.57 -13.73 -13.25
N ALA B 301 17.55 -13.04 -12.73
CA ALA B 301 17.26 -13.09 -11.30
C ALA B 301 16.90 -14.50 -10.84
N SER B 302 16.15 -15.22 -11.66
CA SER B 302 15.75 -16.58 -11.33
C SER B 302 16.95 -17.50 -11.13
N LYS B 303 17.98 -17.31 -11.95
CA LYS B 303 19.18 -18.11 -11.85
C LYS B 303 19.83 -17.97 -10.48
N PHE B 304 19.60 -16.84 -9.83
CA PHE B 304 20.20 -16.57 -8.52
C PHE B 304 19.17 -16.47 -7.40
N ASN B 305 17.93 -16.86 -7.70
CA ASN B 305 16.87 -16.88 -6.70
C ASN B 305 16.60 -15.50 -6.12
N LEU B 306 16.64 -14.50 -6.99
CA LEU B 306 16.32 -13.14 -6.61
C LEU B 306 14.96 -12.74 -7.17
N GLN B 307 14.33 -11.76 -6.56
CA GLN B 307 13.12 -11.18 -7.13
C GLN B 307 13.37 -9.75 -7.58
N VAL B 308 12.72 -9.35 -8.67
CA VAL B 308 12.87 -8.00 -9.19
C VAL B 308 11.55 -7.25 -9.03
N ARG B 309 11.60 -6.09 -8.38
CA ARG B 309 10.41 -5.25 -8.26
C ARG B 309 10.66 -3.90 -8.92
N GLY B 310 9.77 -3.51 -9.82
CA GLY B 310 9.91 -2.25 -10.52
C GLY B 310 9.08 -1.14 -9.91
N GLY B 321 14.09 2.27 -15.46
CA GLY B 321 14.89 1.09 -15.19
C GLY B 321 15.38 1.01 -13.76
N VAL B 322 14.63 1.60 -12.84
CA VAL B 322 15.00 1.55 -11.43
C VAL B 322 14.31 0.37 -10.71
N TYR B 323 15.12 -0.49 -10.10
CA TYR B 323 14.62 -1.75 -9.57
C TYR B 323 15.05 -2.01 -8.14
N ASP B 324 14.15 -2.60 -7.36
N ASP B 324 14.18 -2.69 -7.39
CA ASP B 324 14.48 -3.15 -6.06
CA ASP B 324 14.54 -3.21 -6.08
C ASP B 324 14.68 -4.64 -6.26
C ASP B 324 14.76 -4.71 -6.17
N ILE B 325 15.90 -5.11 -6.02
N ILE B 325 16.02 -5.14 -6.23
CA ILE B 325 16.23 -6.51 -6.26
CA ILE B 325 16.36 -6.55 -6.30
C ILE B 325 16.65 -7.14 -4.95
C ILE B 325 16.60 -7.10 -4.91
N SER B 326 15.99 -8.23 -4.58
CA SER B 326 16.15 -8.83 -3.26
C SER B 326 16.14 -10.34 -3.28
N ASN B 327 16.56 -10.95 -2.17
CA ASN B 327 16.41 -12.40 -2.02
C ASN B 327 14.96 -12.79 -2.11
N LYS B 328 14.67 -13.82 -2.89
CA LYS B 328 13.31 -14.34 -2.98
C LYS B 328 13.01 -15.34 -1.86
N ARG B 329 14.04 -16.07 -1.42
CA ARG B 329 13.84 -17.12 -0.43
C ARG B 329 14.34 -16.76 0.96
N ARG B 330 13.63 -17.29 1.95
CA ARG B 330 13.98 -17.20 3.37
C ARG B 330 14.30 -18.59 3.91
N LEU B 331 13.53 -19.59 3.45
CA LEU B 331 13.71 -20.96 3.89
C LEU B 331 14.52 -21.76 2.87
N GLY B 332 15.43 -22.60 3.37
CA GLY B 332 16.12 -23.55 2.50
C GLY B 332 17.54 -23.14 2.15
N LEU B 333 18.02 -22.06 2.77
CA LEU B 333 19.36 -21.58 2.49
C LEU B 333 19.96 -20.93 3.74
N THR B 334 21.26 -20.68 3.72
CA THR B 334 21.92 -20.02 4.83
C THR B 334 21.99 -18.52 4.59
N GLU B 335 22.26 -17.79 5.65
CA GLU B 335 22.49 -16.35 5.55
C GLU B 335 23.59 -16.05 4.54
N TYR B 336 24.69 -16.79 4.62
CA TYR B 336 25.78 -16.58 3.67
C TYR B 336 25.31 -16.81 2.25
N GLN B 337 24.55 -17.89 2.02
CA GLN B 337 24.04 -18.17 0.69
C GLN B 337 23.18 -17.01 0.20
N ALA B 338 22.43 -16.41 1.11
CA ALA B 338 21.56 -15.28 0.76
C ALA B 338 22.32 -14.05 0.29
N VAL B 339 23.35 -13.67 1.04
CA VAL B 339 24.14 -12.49 0.66
C VAL B 339 24.97 -12.79 -0.60
N ARG B 340 25.47 -14.01 -0.69
CA ARG B 340 26.29 -14.41 -1.84
C ARG B 340 25.45 -14.51 -3.13
N GLU B 341 24.22 -14.99 -3.02
CA GLU B 341 23.30 -15.00 -4.14
C GLU B 341 23.11 -13.60 -4.68
N MET B 342 22.99 -12.63 -3.76
CA MET B 342 22.74 -11.25 -4.16
C MET B 342 23.96 -10.66 -4.84
N GLN B 343 25.13 -10.92 -4.27
CA GLN B 343 26.37 -10.41 -4.84
C GLN B 343 26.59 -10.95 -6.25
N ASP B 344 26.42 -12.27 -6.40
CA ASP B 344 26.62 -12.92 -7.70
C ASP B 344 25.57 -12.45 -8.70
N GLY B 345 24.32 -12.40 -8.26
CA GLY B 345 23.24 -12.00 -9.13
C GLY B 345 23.35 -10.56 -9.58
N ILE B 346 23.68 -9.67 -8.66
CA ILE B 346 23.82 -8.26 -9.01
C ILE B 346 25.01 -8.04 -9.96
N LEU B 347 26.11 -8.73 -9.67
CA LEU B 347 27.30 -8.62 -10.52
C LEU B 347 26.99 -9.12 -11.92
N GLU B 348 26.16 -10.16 -12.02
CA GLU B 348 25.79 -10.70 -13.32
C GLU B 348 24.86 -9.73 -14.05
N MET B 349 23.92 -9.13 -13.33
CA MET B 349 23.02 -8.16 -13.93
C MET B 349 23.78 -6.96 -14.47
N ILE B 350 24.79 -6.52 -13.72
CA ILE B 350 25.61 -5.39 -14.13
C ILE B 350 26.42 -5.72 -15.38
N LYS B 351 26.95 -6.93 -15.44
CA LYS B 351 27.68 -7.38 -16.63
C LYS B 351 26.79 -7.34 -17.85
N MET B 352 25.59 -7.90 -17.73
CA MET B 352 24.65 -7.96 -18.83
C MET B 352 24.15 -6.58 -19.23
N GLU B 353 23.93 -5.72 -18.25
CA GLU B 353 23.52 -4.34 -18.54
C GLU B 353 24.56 -3.67 -19.44
N LYS B 354 25.84 -3.79 -19.04
CA LYS B 354 26.93 -3.24 -19.85
C LYS B 354 26.95 -3.83 -21.25
N ALA B 355 26.66 -5.13 -21.36
CA ALA B 355 26.74 -5.83 -22.64
C ALA B 355 25.56 -5.52 -23.57
N ALA B 356 24.48 -5.03 -22.99
CA ALA B 356 23.25 -4.78 -23.74
C ALA B 356 23.42 -3.67 -24.77
N ALA B 357 22.72 -3.80 -25.89
CA ALA B 357 22.73 -2.78 -26.92
C ALA B 357 21.96 -1.54 -26.47
S SO4 C . -11.00 2.50 -8.10
O1 SO4 C . -11.83 2.67 -9.30
O2 SO4 C . -10.12 3.66 -7.95
O3 SO4 C . -11.87 2.39 -6.92
O4 SO4 C . -10.20 1.29 -8.21
S SO4 D . 12.19 -4.49 3.65
O1 SO4 D . 12.10 -4.07 2.25
O2 SO4 D . 11.22 -3.74 4.45
O3 SO4 D . 11.86 -5.91 3.72
O4 SO4 D . 13.53 -4.27 4.15
#